data_3IBY
#
_entry.id   3IBY
#
_cell.length_a   53.056
_cell.length_b   130.697
_cell.length_c   157.616
_cell.angle_alpha   90.00
_cell.angle_beta   90.00
_cell.angle_gamma   90.00
#
_symmetry.space_group_name_H-M   'P 21 21 21'
#
loop_
_entity.id
_entity.type
_entity.pdbx_description
1 polymer 'Ferrous iron transport protein B'
2 water water
#
_entity_poly.entity_id   1
_entity_poly.type   'polypeptide(L)'
_entity_poly.pdbx_seq_one_letter_code
;MTHALLIGNPNCGKTTLFNALTNANQRVGNWPGVTVEKKTGEFLLGEHLIEITDLPGVYSLVANAEGISQDEQIAAQSVI
DLEYDCIINVIDACHLERHLYLTSQLFELGKPVVVALNMMDIAEHRGISIDTEKLESLLGCSVIPIQAHKNIGIPALQQS
LLHCSQKIKPLKLSLSVAAQQILNDLENQLISKGYKNSFAYYFSRRLAEGDTLIGEKAFTESLLIKLQETEQNLDVLLAD
ARYQKIHEIVTLVQKK
;
_entity_poly.pdbx_strand_id   A,B,C,D
#
# COMPACT_ATOMS: atom_id res chain seq x y z
N THR A 2 -0.85 1.99 23.01
CA THR A 2 -0.23 3.26 23.42
C THR A 2 -0.85 4.37 22.59
N HIS A 3 -1.14 5.50 23.24
CA HIS A 3 -2.08 6.48 22.71
C HIS A 3 -1.39 7.80 22.40
N ALA A 4 -1.52 8.21 21.16
CA ALA A 4 -0.78 9.37 20.64
C ALA A 4 -1.74 10.45 20.17
N LEU A 5 -1.62 11.64 20.71
CA LEU A 5 -2.34 12.79 20.17
C LEU A 5 -1.54 13.35 18.97
N LEU A 6 -2.24 13.75 17.92
CA LEU A 6 -1.62 14.41 16.75
C LEU A 6 -2.00 15.91 16.71
N ILE A 7 -0.99 16.77 16.78
CA ILE A 7 -1.17 18.21 16.99
C ILE A 7 -0.31 19.04 16.05
N GLY A 8 -0.88 20.15 15.58
CA GLY A 8 -0.11 21.16 14.85
C GLY A 8 -0.88 22.44 14.58
N ASN A 9 -0.29 23.30 13.76
CA ASN A 9 -0.98 24.42 13.19
C ASN A 9 -1.93 23.86 12.13
N PRO A 10 -2.94 24.65 11.71
CA PRO A 10 -3.83 24.33 10.59
C PRO A 10 -3.07 24.12 9.31
N ASN A 11 -3.64 23.36 8.38
CA ASN A 11 -3.08 23.27 7.02
C ASN A 11 -1.56 22.90 6.98
N CYS A 12 -1.14 21.97 7.86
CA CYS A 12 0.27 21.51 7.83
C CYS A 12 0.47 20.08 7.29
N GLY A 13 -0.56 19.57 6.58
CA GLY A 13 -0.63 18.14 6.18
C GLY A 13 -0.95 17.23 7.35
N LYS A 14 -1.56 17.79 8.39
CA LYS A 14 -1.76 17.04 9.60
C LYS A 14 -2.67 15.88 9.25
N THR A 15 -3.70 16.17 8.47
CA THR A 15 -4.68 15.17 8.10
C THR A 15 -4.07 14.14 7.19
N THR A 16 -3.26 14.59 6.25
CA THR A 16 -2.52 13.67 5.40
C THR A 16 -1.66 12.73 6.23
N LEU A 17 -1.01 13.22 7.29
CA LEU A 17 -0.18 12.31 8.12
C LEU A 17 -1.07 11.32 8.84
N PHE A 18 -2.19 11.85 9.32
CA PHE A 18 -3.20 11.04 9.94
C PHE A 18 -3.59 9.93 9.03
N ASN A 19 -3.80 10.22 7.74
CA ASN A 19 -4.24 9.19 6.80
C ASN A 19 -3.11 8.18 6.53
N ALA A 20 -1.91 8.70 6.46
CA ALA A 20 -0.77 7.91 6.16
C ALA A 20 -0.58 6.87 7.28
N LEU A 21 -0.75 7.30 8.53
CA LEU A 21 -0.55 6.40 9.68
C LEU A 21 -1.68 5.40 9.83
N THR A 22 -2.92 5.83 9.66
CA THR A 22 -4.07 5.01 10.05
C THR A 22 -4.77 4.29 8.90
N ASN A 23 -4.58 4.75 7.67
CA ASN A 23 -5.16 4.15 6.49
C ASN A 23 -6.66 4.04 6.55
N ALA A 24 -7.27 2.86 6.39
CA ALA A 24 -8.73 2.76 6.44
C ALA A 24 -9.18 2.56 7.88
N ASN A 25 -8.20 2.35 8.77
CA ASN A 25 -8.52 2.12 10.19
C ASN A 25 -8.66 3.46 10.93
N GLN A 26 -9.76 4.15 10.63
CA GLN A 26 -10.00 5.46 11.17
C GLN A 26 -11.47 5.73 11.09
N ARG A 27 -11.97 6.62 11.95
CA ARG A 27 -13.37 6.97 11.98
C ARG A 27 -13.68 8.36 12.42
N VAL A 28 -14.88 8.81 12.21
CA VAL A 28 -15.24 10.15 12.63
C VAL A 28 -16.40 10.05 13.61
N GLY A 29 -16.36 10.88 14.65
CA GLY A 29 -17.53 11.11 15.50
C GLY A 29 -17.50 12.57 15.92
N ASN A 30 -18.29 12.97 16.90
CA ASN A 30 -18.21 14.32 17.42
C ASN A 30 -17.34 14.27 18.65
N TRP A 31 -16.57 15.30 18.87
CA TRP A 31 -16.03 15.50 20.18
C TRP A 31 -17.20 15.55 21.16
N PRO A 32 -16.92 15.30 22.44
CA PRO A 32 -17.98 15.18 23.43
C PRO A 32 -18.85 16.44 23.63
N GLY A 33 -20.14 16.29 23.32
CA GLY A 33 -21.10 17.36 23.52
C GLY A 33 -20.83 18.63 22.74
N VAL A 34 -20.16 18.52 21.60
CA VAL A 34 -19.98 19.66 20.69
C VAL A 34 -20.25 19.22 19.25
N THR A 35 -20.08 20.12 18.28
CA THR A 35 -20.48 19.83 16.91
C THR A 35 -19.27 19.45 16.15
N VAL A 36 -18.09 19.82 16.66
CA VAL A 36 -16.84 19.58 15.94
C VAL A 36 -16.57 18.08 15.84
N GLU A 37 -16.06 17.66 14.68
CA GLU A 37 -15.93 16.25 14.35
C GLU A 37 -14.63 15.79 14.89
N LYS A 38 -14.62 14.62 15.51
CA LYS A 38 -13.36 14.09 16.02
C LYS A 38 -12.95 12.96 15.13
N LYS A 39 -11.68 12.85 14.79
CA LYS A 39 -11.22 11.71 13.99
C LYS A 39 -10.28 10.93 14.84
N THR A 40 -10.51 9.62 14.93
CA THR A 40 -9.64 8.74 15.69
C THR A 40 -9.24 7.62 14.76
N GLY A 41 -8.05 7.07 14.96
CA GLY A 41 -7.64 5.86 14.28
C GLY A 41 -6.52 5.07 14.98
N GLU A 42 -6.07 3.99 14.35
CA GLU A 42 -5.06 3.17 14.97
C GLU A 42 -4.23 2.40 13.93
N PHE A 43 -3.01 2.03 14.31
CA PHE A 43 -2.24 1.15 13.47
C PHE A 43 -1.46 0.17 14.33
N LEU A 44 -1.15 -0.99 13.75
CA LEU A 44 -0.25 -1.92 14.38
C LEU A 44 1.18 -1.58 13.97
N LEU A 45 2.12 -1.80 14.89
CA LEU A 45 3.53 -1.50 14.67
C LEU A 45 4.28 -2.63 15.31
N GLY A 46 4.23 -3.75 14.59
CA GLY A 46 4.57 -5.04 15.13
C GLY A 46 3.39 -5.53 15.94
N GLU A 47 3.69 -5.99 17.15
CA GLU A 47 2.67 -6.52 18.03
C GLU A 47 1.98 -5.36 18.72
N HIS A 48 2.70 -4.24 18.86
CA HIS A 48 2.22 -2.96 19.41
C HIS A 48 1.05 -2.24 18.69
N LEU A 49 -0.05 -2.01 19.40
CA LEU A 49 -1.14 -1.19 18.88
C LEU A 49 -0.86 0.31 19.16
N ILE A 50 -1.14 1.17 18.19
CA ILE A 50 -1.00 2.59 18.40
C ILE A 50 -2.29 3.27 18.06
N GLU A 51 -2.87 3.95 19.05
CA GLU A 51 -4.12 4.65 18.82
C GLU A 51 -3.76 6.11 18.67
N ILE A 52 -4.51 6.81 17.84
CA ILE A 52 -4.23 8.18 17.48
C ILE A 52 -5.49 9.01 17.48
N THR A 53 -5.39 10.16 18.14
CA THR A 53 -6.45 11.11 18.14
C THR A 53 -5.96 12.36 17.46
N ASP A 54 -6.69 12.75 16.43
CA ASP A 54 -6.36 13.96 15.74
C ASP A 54 -6.92 15.17 16.48
N LEU A 55 -6.08 16.19 16.72
CA LEU A 55 -6.59 17.46 17.28
C LEU A 55 -6.64 18.49 16.23
N PRO A 56 -7.65 19.37 16.29
CA PRO A 56 -7.79 20.40 15.32
C PRO A 56 -6.65 21.34 15.51
N GLY A 57 -6.11 21.82 14.41
CA GLY A 57 -4.97 22.68 14.41
C GLY A 57 -5.25 24.03 15.06
N VAL A 58 -4.20 24.61 15.64
CA VAL A 58 -4.25 25.81 16.42
C VAL A 58 -2.85 26.34 16.33
N TYR A 59 -2.72 27.66 16.27
CA TYR A 59 -1.43 28.31 16.36
C TYR A 59 -0.85 28.21 17.78
N SER A 60 -1.76 28.30 18.76
CA SER A 60 -1.45 28.63 20.15
C SER A 60 -2.47 27.93 21.03
N LEU A 61 -2.07 27.52 22.23
CA LEU A 61 -2.98 26.77 23.09
C LEU A 61 -3.94 27.66 23.90
N VAL A 62 -3.98 28.95 23.61
CA VAL A 62 -4.80 29.84 24.43
C VAL A 62 -6.20 30.09 23.85
N SER A 69 -13.89 30.65 18.73
CA SER A 69 -12.97 29.66 18.19
C SER A 69 -13.12 28.22 18.79
N GLN A 70 -14.29 27.59 18.63
CA GLN A 70 -14.60 26.27 19.22
C GLN A 70 -13.51 25.19 19.03
N ASP A 71 -12.99 25.03 17.81
CA ASP A 71 -11.84 24.15 17.53
C ASP A 71 -10.63 24.55 18.36
N GLU A 72 -10.24 25.83 18.32
CA GLU A 72 -8.99 26.19 19.01
C GLU A 72 -9.07 25.78 20.47
N GLN A 73 -10.32 25.70 20.93
CA GLN A 73 -10.66 25.37 22.28
C GLN A 73 -10.48 23.90 22.56
N ILE A 74 -10.91 23.05 21.64
CA ILE A 74 -10.87 21.61 21.86
C ILE A 74 -9.45 21.11 22.09
N ALA A 75 -8.50 21.64 21.34
CA ALA A 75 -7.12 21.23 21.42
C ALA A 75 -6.49 21.66 22.75
N ALA A 76 -6.76 22.92 23.09
CA ALA A 76 -6.42 23.50 24.36
C ALA A 76 -6.84 22.63 25.53
N GLN A 77 -8.07 22.10 25.51
CA GLN A 77 -8.50 21.25 26.62
C GLN A 77 -8.20 19.77 26.49
N SER A 78 -7.93 19.26 25.29
CA SER A 78 -7.70 17.84 25.13
C SER A 78 -6.32 17.45 25.68
N VAL A 79 -5.32 18.31 25.50
CA VAL A 79 -3.98 18.04 26.04
C VAL A 79 -3.95 18.07 27.55
N ILE A 80 -5.02 18.49 28.20
CA ILE A 80 -5.13 18.26 29.63
C ILE A 80 -6.19 17.17 29.93
N ASP A 81 -7.26 17.10 29.14
CA ASP A 81 -8.45 16.23 29.44
C ASP A 81 -8.20 14.76 29.15
N LEU A 82 -7.44 14.50 28.09
CA LEU A 82 -7.33 13.15 27.60
C LEU A 82 -6.17 12.41 28.26
N GLU A 83 -6.30 11.10 28.19
CA GLU A 83 -5.30 10.20 28.63
C GLU A 83 -4.51 9.82 27.42
N TYR A 84 -3.30 10.32 27.30
CA TYR A 84 -2.43 10.03 26.19
C TYR A 84 -0.99 9.82 26.66
N ASP A 85 -0.24 9.01 25.90
CA ASP A 85 1.11 8.62 26.27
C ASP A 85 2.12 9.51 25.59
N CYS A 86 1.82 9.98 24.40
CA CYS A 86 2.75 10.91 23.75
C CYS A 86 2.10 11.80 22.71
N ILE A 87 2.83 12.82 22.24
CA ILE A 87 2.35 13.73 21.17
C ILE A 87 3.22 13.66 19.94
N ILE A 88 2.55 13.65 18.79
CA ILE A 88 3.19 13.79 17.52
C ILE A 88 2.88 15.18 17.04
N ASN A 89 3.88 16.04 17.18
CA ASN A 89 3.75 17.42 16.77
C ASN A 89 4.17 17.46 15.32
N VAL A 90 3.20 17.71 14.44
CA VAL A 90 3.45 17.92 13.01
C VAL A 90 3.76 19.35 12.69
N ILE A 91 4.92 19.55 12.10
CA ILE A 91 5.41 20.84 11.71
C ILE A 91 5.48 20.91 10.22
N ASP A 92 5.18 22.09 9.68
CA ASP A 92 5.37 22.40 8.26
C ASP A 92 6.75 23.04 8.09
N ALA A 93 7.65 22.37 7.38
CA ALA A 93 9.04 22.88 7.17
C ALA A 93 9.08 24.28 6.59
N CYS A 94 8.06 24.64 5.88
CA CYS A 94 8.06 25.91 5.23
C CYS A 94 7.68 27.06 6.16
N HIS A 95 7.22 26.76 7.37
CA HIS A 95 6.80 27.85 8.26
C HIS A 95 7.19 27.47 9.63
N LEU A 96 8.47 27.13 9.74
CA LEU A 96 9.07 26.61 10.95
C LEU A 96 8.88 27.56 12.11
N GLU A 97 9.26 28.81 11.94
CA GLU A 97 9.23 29.73 13.05
C GLU A 97 7.84 29.89 13.66
N ARG A 98 6.80 29.97 12.80
CA ARG A 98 5.44 30.08 13.33
C ARG A 98 5.09 28.78 14.03
N HIS A 99 5.41 27.66 13.39
CA HIS A 99 4.90 26.37 13.82
C HIS A 99 5.50 25.93 15.12
N LEU A 100 6.70 26.39 15.44
CA LEU A 100 7.34 26.07 16.70
C LEU A 100 6.79 26.85 17.89
N TYR A 101 5.93 27.83 17.65
CA TYR A 101 5.34 28.50 18.79
C TYR A 101 4.56 27.45 19.55
N LEU A 102 3.72 26.72 18.83
CA LEU A 102 2.92 25.65 19.42
C LEU A 102 3.74 24.60 20.08
N THR A 103 4.88 24.32 19.47
CA THR A 103 5.75 23.25 19.90
C THR A 103 6.30 23.52 21.27
N SER A 104 6.76 24.75 21.45
CA SER A 104 7.37 25.16 22.71
C SER A 104 6.35 25.09 23.82
N GLN A 105 5.10 25.48 23.52
CA GLN A 105 4.00 25.35 24.48
C GLN A 105 3.74 23.87 24.87
N LEU A 106 3.72 22.98 23.89
CA LEU A 106 3.56 21.52 24.10
C LEU A 106 4.61 20.89 24.99
N PHE A 107 5.88 21.23 24.76
CA PHE A 107 7.02 20.84 25.63
C PHE A 107 6.82 21.21 27.08
N GLU A 108 5.95 22.16 27.39
CA GLU A 108 5.68 22.55 28.77
C GLU A 108 4.64 21.63 29.42
N LEU A 109 4.10 20.65 28.69
CA LEU A 109 3.22 19.63 29.31
C LEU A 109 3.99 18.53 30.10
N GLY A 110 5.24 18.32 29.77
CA GLY A 110 5.97 17.22 30.39
C GLY A 110 5.52 15.86 29.91
N LYS A 111 4.90 15.82 28.75
CA LYS A 111 4.50 14.59 28.16
C LYS A 111 5.46 14.44 26.98
N PRO A 112 5.79 13.21 26.56
CA PRO A 112 6.66 12.91 25.39
C PRO A 112 6.19 13.52 24.07
N VAL A 113 7.10 14.12 23.32
CA VAL A 113 6.78 14.67 22.02
C VAL A 113 7.82 14.19 21.05
N VAL A 114 7.38 13.90 19.83
CA VAL A 114 8.20 13.59 18.68
C VAL A 114 7.74 14.62 17.62
N VAL A 115 8.67 15.21 16.87
CA VAL A 115 8.32 16.16 15.82
C VAL A 115 8.38 15.46 14.49
N ALA A 116 7.30 15.62 13.71
CA ALA A 116 7.18 15.13 12.32
C ALA A 116 7.34 16.34 11.44
N LEU A 117 8.46 16.44 10.71
CA LEU A 117 8.83 17.69 10.02
C LEU A 117 8.41 17.46 8.60
N ASN A 118 7.23 17.95 8.30
CA ASN A 118 6.54 17.60 7.07
C ASN A 118 6.90 18.61 5.95
N MET A 119 6.54 18.27 4.71
CA MET A 119 6.63 19.15 3.54
C MET A 119 8.06 19.46 3.19
N MET A 120 8.91 18.46 3.41
CA MET A 120 10.32 18.63 3.13
C MET A 120 10.54 18.90 1.62
N ASP A 121 9.62 18.40 0.79
CA ASP A 121 9.75 18.54 -0.65
C ASP A 121 9.44 19.96 -1.03
N ILE A 122 8.38 20.52 -0.44
CA ILE A 122 7.98 21.91 -0.76
C ILE A 122 9.03 22.84 -0.19
N ALA A 123 9.48 22.53 1.01
CA ALA A 123 10.61 23.19 1.65
C ALA A 123 11.80 23.32 0.73
N GLU A 124 12.18 22.21 0.09
CA GLU A 124 13.33 22.17 -0.82
C GLU A 124 13.10 22.98 -2.10
N HIS A 125 11.92 22.81 -2.69
CA HIS A 125 11.47 23.56 -3.87
C HIS A 125 11.53 25.05 -3.63
N ARG A 126 11.23 25.49 -2.41
CA ARG A 126 11.32 26.93 -2.06
C ARG A 126 12.72 27.39 -1.61
N GLY A 127 13.70 26.50 -1.76
CA GLY A 127 15.07 26.74 -1.34
C GLY A 127 15.21 26.91 0.16
N ILE A 128 14.40 26.20 0.94
CA ILE A 128 14.51 26.20 2.40
C ILE A 128 15.28 24.96 2.84
N SER A 129 16.33 25.21 3.58
CA SER A 129 17.21 24.16 4.05
C SER A 129 17.14 24.13 5.55
N ILE A 130 16.87 22.96 6.11
CA ILE A 130 16.78 22.82 7.56
C ILE A 130 17.79 21.76 7.98
N ASP A 131 18.66 22.16 8.91
CA ASP A 131 19.53 21.27 9.61
C ASP A 131 18.71 20.50 10.63
N THR A 132 18.39 19.26 10.32
CA THR A 132 17.56 18.42 11.17
C THR A 132 18.24 17.97 12.47
N GLU A 133 19.52 17.66 12.35
CA GLU A 133 20.33 17.22 13.48
C GLU A 133 20.47 18.36 14.46
N LYS A 134 20.53 19.60 13.96
CA LYS A 134 20.71 20.76 14.84
C LYS A 134 19.40 21.12 15.53
N LEU A 135 18.31 21.09 14.79
CA LEU A 135 16.96 21.34 15.34
C LEU A 135 16.65 20.37 16.46
N GLU A 136 16.91 19.09 16.20
CA GLU A 136 16.77 18.05 17.21
C GLU A 136 17.68 18.31 18.42
N SER A 137 18.91 18.71 18.17
CA SER A 137 19.85 18.96 19.28
C SER A 137 19.30 20.08 20.16
N LEU A 138 18.84 21.16 19.53
CA LEU A 138 18.27 22.31 20.24
C LEU A 138 16.98 21.95 20.96
N LEU A 139 16.01 21.36 20.25
CA LEU A 139 14.67 21.09 20.83
C LEU A 139 14.64 19.94 21.85
N GLY A 140 15.66 19.08 21.85
CA GLY A 140 15.69 17.95 22.76
C GLY A 140 14.68 16.83 22.54
N CYS A 141 14.13 16.71 21.33
CA CYS A 141 13.25 15.56 20.99
C CYS A 141 13.56 15.08 19.60
N SER A 142 13.22 13.83 19.28
CA SER A 142 13.30 13.35 17.92
C SER A 142 12.61 14.32 16.98
N VAL A 143 13.33 14.68 15.91
CA VAL A 143 12.78 15.46 14.79
C VAL A 143 12.88 14.55 13.57
N ILE A 144 11.74 14.19 12.99
CA ILE A 144 11.70 13.15 11.97
C ILE A 144 11.18 13.78 10.70
N PRO A 145 12.06 13.97 9.73
CA PRO A 145 11.69 14.52 8.44
C PRO A 145 10.83 13.57 7.63
N ILE A 146 9.73 14.07 7.09
CA ILE A 146 8.77 13.28 6.28
C ILE A 146 8.16 14.01 5.07
N GLN A 147 7.43 13.25 4.26
CA GLN A 147 6.54 13.80 3.22
C GLN A 147 5.29 12.92 3.24
N ALA A 148 4.33 13.36 4.03
CA ALA A 148 3.22 12.53 4.41
C ALA A 148 2.48 12.18 3.15
N HIS A 149 2.28 13.20 2.32
CA HIS A 149 1.58 13.04 1.01
C HIS A 149 2.20 11.96 0.11
N LYS A 150 3.45 11.60 0.36
CA LYS A 150 4.18 10.68 -0.46
C LYS A 150 4.67 9.48 0.35
N ASN A 151 4.26 9.38 1.61
CA ASN A 151 4.65 8.30 2.52
C ASN A 151 6.15 8.21 2.85
N ILE A 152 6.89 9.27 2.57
CA ILE A 152 8.32 9.23 2.79
C ILE A 152 8.51 9.62 4.24
N GLY A 153 9.21 8.79 5.00
CA GLY A 153 9.50 9.12 6.39
C GLY A 153 8.60 8.44 7.42
N ILE A 154 7.41 8.05 6.99
CA ILE A 154 6.45 7.38 7.86
C ILE A 154 7.04 6.22 8.65
N PRO A 155 7.88 5.40 8.02
CA PRO A 155 8.29 4.23 8.79
C PRO A 155 9.21 4.58 9.94
N ALA A 156 10.05 5.59 9.73
CA ALA A 156 10.97 6.08 10.75
C ALA A 156 10.25 6.81 11.87
N LEU A 157 9.20 7.57 11.50
CA LEU A 157 8.32 8.25 12.48
C LEU A 157 7.56 7.21 13.30
N GLN A 158 7.17 6.12 12.65
CA GLN A 158 6.56 4.99 13.34
C GLN A 158 7.58 4.46 14.30
N GLN A 159 8.78 4.17 13.82
CA GLN A 159 9.81 3.60 14.68
C GLN A 159 10.05 4.50 15.90
N SER A 160 10.28 5.78 15.66
CA SER A 160 10.45 6.75 16.74
C SER A 160 9.27 6.80 17.73
N LEU A 161 8.07 6.37 17.33
CA LEU A 161 6.95 6.28 18.26
C LEU A 161 7.12 5.30 19.37
N LEU A 162 7.69 4.15 19.07
CA LEU A 162 7.96 3.13 20.07
C LEU A 162 8.98 3.56 21.12
N HIS A 163 9.83 4.53 20.82
CA HIS A 163 10.84 5.00 21.78
C HIS A 163 10.54 6.45 22.21
N CYS A 164 9.26 6.80 22.22
CA CYS A 164 8.85 8.13 22.63
C CYS A 164 8.23 8.03 23.99
N SER A 165 9.10 7.77 24.98
CA SER A 165 8.69 7.67 26.39
C SER A 165 9.38 8.67 27.35
N GLN A 166 10.41 9.39 26.89
CA GLN A 166 11.05 10.42 27.73
C GLN A 166 10.35 11.75 27.58
N LYS A 167 10.10 12.43 28.67
CA LYS A 167 9.48 13.76 28.62
C LYS A 167 10.51 14.83 28.26
N ILE A 168 10.03 15.99 27.85
CA ILE A 168 10.91 16.99 27.31
C ILE A 168 11.01 18.18 28.23
N LYS A 169 12.13 18.89 28.12
CA LYS A 169 12.36 20.08 28.93
C LYS A 169 11.69 21.21 28.24
N PRO A 170 11.04 22.10 29.01
CA PRO A 170 10.66 23.36 28.38
C PRO A 170 11.89 24.03 27.80
N LEU A 171 11.69 24.79 26.72
CA LEU A 171 12.76 25.59 26.17
C LEU A 171 13.15 26.64 27.21
N LYS A 172 14.43 27.00 27.24
CA LYS A 172 14.91 27.98 28.22
C LYS A 172 14.66 29.36 27.68
N LEU A 173 13.69 30.04 28.27
CA LEU A 173 13.21 31.36 27.82
C LEU A 173 13.76 32.47 28.72
N SER A 174 14.08 33.62 28.11
CA SER A 174 14.62 34.70 28.90
C SER A 174 13.52 35.71 29.18
N LEU A 175 13.16 35.86 30.45
CA LEU A 175 12.15 36.84 30.81
C LEU A 175 12.74 37.80 31.80
N SER A 176 12.13 38.98 31.85
CA SER A 176 12.41 39.95 32.89
C SER A 176 12.36 39.36 34.31
N VAL A 177 13.09 39.97 35.22
CA VAL A 177 13.18 39.49 36.56
C VAL A 177 11.82 39.65 37.21
N ALA A 178 11.18 40.78 36.93
CA ALA A 178 9.83 41.10 37.40
C ALA A 178 8.89 40.02 36.94
N ALA A 179 8.98 39.69 35.65
CA ALA A 179 8.15 38.68 35.03
C ALA A 179 8.46 37.26 35.51
N GLN A 180 9.74 36.94 35.69
CA GLN A 180 10.07 35.59 36.15
C GLN A 180 9.54 35.42 37.57
N GLN A 181 9.70 36.45 38.37
CA GLN A 181 9.17 36.46 39.72
C GLN A 181 7.67 36.05 39.70
N ILE A 182 6.89 36.65 38.81
CA ILE A 182 5.42 36.45 38.80
C ILE A 182 5.07 35.03 38.41
N LEU A 183 5.73 34.50 37.38
CA LEU A 183 5.51 33.13 36.96
C LEU A 183 5.92 32.12 38.06
N ASN A 184 6.97 32.42 38.83
CA ASN A 184 7.38 31.50 39.88
C ASN A 184 6.43 31.54 41.10
N ASP A 185 5.85 32.72 41.40
CA ASP A 185 4.79 32.84 42.43
C ASP A 185 3.56 32.06 41.95
N LEU A 186 3.20 32.28 40.70
CA LEU A 186 2.05 31.63 40.13
C LEU A 186 2.21 30.11 40.19
N GLU A 187 3.35 29.59 39.71
CA GLU A 187 3.64 28.15 39.82
C GLU A 187 3.49 27.62 41.24
N ASN A 188 3.98 28.35 42.22
CA ASN A 188 3.94 27.88 43.61
C ASN A 188 2.55 27.94 44.24
N GLN A 189 1.85 29.05 44.04
CA GLN A 189 0.43 29.16 44.35
C GLN A 189 -0.27 27.85 43.92
N LEU A 190 -0.09 27.46 42.65
CA LEU A 190 -0.70 26.25 42.09
C LEU A 190 -0.29 24.95 42.81
N ILE A 191 1.01 24.78 43.06
CA ILE A 191 1.46 23.58 43.78
C ILE A 191 0.78 23.46 45.14
N SER A 192 0.72 24.56 45.88
CA SER A 192 0.04 24.59 47.20
C SER A 192 -1.43 24.26 47.12
N LYS A 193 -2.06 24.76 46.05
CA LYS A 193 -3.45 24.45 45.72
C LYS A 193 -3.66 22.95 45.67
N GLY A 194 -2.60 22.20 45.36
CA GLY A 194 -2.63 20.76 45.28
C GLY A 194 -2.28 20.25 43.90
N TYR A 195 -2.08 21.12 42.92
CA TYR A 195 -1.77 20.65 41.57
C TYR A 195 -0.47 19.83 41.50
N LYS A 196 -0.39 18.92 40.54
CA LYS A 196 0.83 18.12 40.36
C LYS A 196 1.82 19.00 39.60
N ASN A 197 3.11 18.73 39.77
CA ASN A 197 4.17 19.65 39.26
C ASN A 197 4.14 19.97 37.79
N SER A 198 4.15 18.92 36.97
CA SER A 198 3.99 19.04 35.52
C SER A 198 2.89 20.02 35.16
N PHE A 199 1.70 19.78 35.71
CA PHE A 199 0.57 20.60 35.38
C PHE A 199 0.72 22.06 35.87
N ALA A 200 1.31 22.25 37.04
CA ALA A 200 1.44 23.59 37.60
C ALA A 200 2.34 24.44 36.74
N TYR A 201 3.48 23.86 36.31
CA TYR A 201 4.38 24.57 35.43
C TYR A 201 3.59 24.99 34.22
N TYR A 202 2.86 24.05 33.61
CA TYR A 202 2.20 24.31 32.32
C TYR A 202 1.06 25.29 32.48
N PHE A 203 0.24 25.08 33.48
CA PHE A 203 -0.95 25.89 33.67
C PHE A 203 -0.63 27.37 34.01
N SER A 204 0.53 27.59 34.66
CA SER A 204 1.02 28.93 34.97
C SER A 204 1.30 29.78 33.73
N ARG A 205 1.97 29.17 32.76
CA ARG A 205 2.27 29.83 31.48
C ARG A 205 0.99 30.19 30.76
N ARG A 206 0.02 29.29 30.77
CA ARG A 206 -1.24 29.58 30.11
C ARG A 206 -1.98 30.77 30.75
N LEU A 207 -2.05 30.74 32.07
CA LEU A 207 -2.61 31.85 32.83
C LEU A 207 -1.89 33.15 32.43
N ALA A 208 -0.56 33.09 32.46
CA ALA A 208 0.30 34.21 32.09
C ALA A 208 -0.06 34.74 30.74
N GLU A 209 -0.49 33.87 29.85
CA GLU A 209 -0.84 34.30 28.52
C GLU A 209 -2.25 34.81 28.46
N GLY A 210 -3.00 34.59 29.53
CA GLY A 210 -4.37 35.05 29.63
C GLY A 210 -5.37 33.97 29.24
N ASP A 211 -5.07 32.71 29.56
CA ASP A 211 -6.01 31.65 29.26
C ASP A 211 -7.12 31.53 30.30
N THR A 212 -8.34 31.53 29.75
CA THR A 212 -9.57 31.47 30.50
C THR A 212 -10.00 30.01 30.83
N LEU A 213 -9.40 29.04 30.15
CA LEU A 213 -9.92 27.65 30.17
C LEU A 213 -8.85 26.62 30.59
N ALA A 218 -13.88 30.08 37.63
CA ALA A 218 -14.16 30.70 38.92
C ALA A 218 -12.87 31.03 39.67
N PHE A 219 -11.99 30.04 39.76
CA PHE A 219 -10.63 30.17 40.36
C PHE A 219 -9.63 30.76 39.32
N THR A 220 -9.84 30.37 38.07
CA THR A 220 -9.09 30.88 36.92
C THR A 220 -9.38 32.38 36.67
N GLU A 221 -10.57 32.85 37.05
CA GLU A 221 -10.91 34.25 36.78
C GLU A 221 -10.34 35.18 37.85
N SER A 222 -10.17 34.65 39.05
CA SER A 222 -9.57 35.41 40.14
C SER A 222 -8.10 35.62 39.87
N LEU A 223 -7.36 34.54 39.65
CA LEU A 223 -5.96 34.69 39.25
C LEU A 223 -5.73 35.68 38.07
N LEU A 224 -6.57 35.60 37.03
CA LEU A 224 -6.44 36.45 35.82
C LEU A 224 -6.55 37.94 36.11
N ILE A 225 -7.37 38.32 37.07
CA ILE A 225 -7.48 39.73 37.38
C ILE A 225 -6.25 40.09 38.21
N LYS A 226 -5.80 39.16 39.04
CA LYS A 226 -4.59 39.36 39.81
C LYS A 226 -3.39 39.63 38.91
N LEU A 227 -3.33 38.99 37.75
CA LEU A 227 -2.20 39.19 36.82
C LEU A 227 -2.28 40.55 36.10
N GLN A 228 -3.49 41.00 35.77
CA GLN A 228 -3.74 42.36 35.28
C GLN A 228 -3.40 43.47 36.29
N GLU A 229 -3.72 43.24 37.58
CA GLU A 229 -3.44 44.26 38.60
C GLU A 229 -1.94 44.47 38.77
N THR A 230 -1.10 43.51 38.37
CA THR A 230 0.34 43.76 38.40
C THR A 230 0.72 44.77 37.30
N GLU A 231 -0.24 45.07 36.40
CA GLU A 231 -0.10 46.11 35.35
C GLU A 231 1.16 45.87 34.52
N GLN A 232 1.49 44.61 34.27
CA GLN A 232 2.75 44.23 33.61
C GLN A 232 2.58 43.80 32.16
N ASN A 233 1.35 43.41 31.76
CA ASN A 233 1.10 42.80 30.42
C ASN A 233 1.90 41.54 30.24
N LEU A 234 1.89 40.69 31.25
CA LEU A 234 2.59 39.45 31.11
C LEU A 234 2.39 38.83 29.71
N ASP A 235 1.17 38.91 29.16
CA ASP A 235 0.88 38.16 27.91
C ASP A 235 1.85 38.57 26.82
N VAL A 236 1.94 39.87 26.65
CA VAL A 236 2.86 40.44 25.71
C VAL A 236 4.29 40.00 26.00
N LEU A 237 4.74 40.12 27.25
CA LEU A 237 6.09 39.70 27.62
C LEU A 237 6.35 38.23 27.33
N LEU A 238 5.44 37.35 27.68
CA LEU A 238 5.73 35.92 27.51
C LEU A 238 5.79 35.53 26.03
N ALA A 239 4.84 36.07 25.25
CA ALA A 239 4.86 35.90 23.78
C ALA A 239 6.20 36.32 23.17
N ASP A 240 6.77 37.42 23.65
CA ASP A 240 8.07 37.87 23.16
C ASP A 240 9.18 36.91 23.56
N ALA A 241 9.24 36.50 24.81
CA ALA A 241 10.31 35.61 25.20
C ALA A 241 10.18 34.27 24.46
N ARG A 242 8.96 33.85 24.20
CA ARG A 242 8.75 32.61 23.45
C ARG A 242 9.24 32.79 22.03
N TYR A 243 8.87 33.90 21.43
CA TYR A 243 9.32 34.28 20.13
C TYR A 243 10.86 34.41 20.02
N GLN A 244 11.53 34.99 21.00
CA GLN A 244 12.99 35.26 20.82
C GLN A 244 13.77 33.94 20.76
N LYS A 245 13.39 32.99 21.62
CA LYS A 245 14.06 31.72 21.70
C LYS A 245 13.78 30.96 20.40
N ILE A 246 12.58 31.16 19.87
CA ILE A 246 12.20 30.39 18.72
C ILE A 246 12.90 31.00 17.53
N HIS A 247 12.89 32.34 17.42
CA HIS A 247 13.60 33.05 16.35
C HIS A 247 15.07 32.66 16.41
N GLU A 248 15.62 32.59 17.58
CA GLU A 248 17.00 32.20 17.70
C GLU A 248 17.23 30.75 17.22
N ILE A 249 16.33 29.83 17.51
CA ILE A 249 16.49 28.45 17.02
C ILE A 249 16.40 28.38 15.50
N VAL A 250 15.51 29.20 14.93
CA VAL A 250 15.28 29.17 13.49
C VAL A 250 16.54 29.67 12.77
N THR A 251 17.07 30.79 13.24
CA THR A 251 18.33 31.36 12.69
C THR A 251 19.56 30.39 12.75
N LEU A 252 19.58 29.45 13.68
CA LEU A 252 20.62 28.41 13.75
C LEU A 252 20.40 27.21 12.81
N VAL A 253 19.17 27.00 12.39
CA VAL A 253 18.80 25.76 11.74
C VAL A 253 18.35 25.96 10.29
N GLN A 254 17.89 27.16 9.98
CA GLN A 254 17.25 27.38 8.70
C GLN A 254 17.96 28.47 7.95
N LYS A 255 18.34 28.19 6.71
CA LYS A 255 18.78 29.26 5.82
C LYS A 255 17.82 29.44 4.64
N LYS A 256 17.63 30.72 4.30
CA LYS A 256 16.82 31.20 3.17
C LYS A 256 15.36 30.75 3.31
N THR B 2 -9.74 -11.35 17.85
CA THR B 2 -10.15 -12.62 17.23
C THR B 2 -9.00 -13.29 16.44
N HIS B 3 -8.94 -14.63 16.45
CA HIS B 3 -7.80 -15.40 15.91
C HIS B 3 -8.26 -16.28 14.75
N ALA B 4 -7.59 -16.09 13.62
CA ALA B 4 -7.93 -16.75 12.36
C ALA B 4 -6.81 -17.68 11.99
N LEU B 5 -7.13 -18.92 11.63
CA LEU B 5 -6.12 -19.77 11.03
C LEU B 5 -6.25 -19.67 9.56
N LEU B 6 -5.13 -19.60 8.86
CA LEU B 6 -5.18 -19.58 7.41
C LEU B 6 -4.74 -20.94 6.84
N ILE B 7 -5.64 -21.58 6.09
CA ILE B 7 -5.47 -22.98 5.74
C ILE B 7 -5.73 -23.23 4.29
N GLY B 8 -4.88 -24.04 3.65
CA GLY B 8 -5.10 -24.44 2.27
C GLY B 8 -4.16 -25.53 1.78
N ASN B 9 -4.24 -25.80 0.46
CA ASN B 9 -3.35 -26.73 -0.17
C ASN B 9 -2.03 -25.99 -0.44
N PRO B 10 -0.99 -26.70 -0.87
CA PRO B 10 0.19 -25.96 -1.26
C PRO B 10 -0.04 -25.18 -2.55
N ASN B 11 0.70 -24.10 -2.71
CA ASN B 11 0.59 -23.24 -3.92
C ASN B 11 -0.78 -22.68 -4.27
N CYS B 12 -1.57 -22.32 -3.25
CA CYS B 12 -2.81 -21.56 -3.55
C CYS B 12 -2.61 -20.01 -3.43
N GLY B 13 -1.35 -19.58 -3.28
CA GLY B 13 -1.00 -18.19 -3.00
C GLY B 13 -1.42 -17.84 -1.59
N LYS B 14 -1.26 -18.81 -0.71
CA LYS B 14 -1.61 -18.67 0.67
C LYS B 14 -0.64 -17.71 1.33
N THR B 15 0.67 -17.86 1.03
CA THR B 15 1.66 -16.93 1.56
C THR B 15 1.29 -15.50 1.14
N THR B 16 0.90 -15.33 -0.12
CA THR B 16 0.61 -14.04 -0.71
C THR B 16 -0.52 -13.30 0.03
N LEU B 17 -1.58 -14.05 0.34
CA LEU B 17 -2.72 -13.54 1.10
C LEU B 17 -2.29 -13.23 2.48
N PHE B 18 -1.50 -14.13 3.05
CA PHE B 18 -0.88 -13.87 4.34
C PHE B 18 -0.12 -12.54 4.34
N ASN B 19 0.75 -12.35 3.36
CA ASN B 19 1.42 -11.04 3.20
C ASN B 19 0.48 -9.84 2.99
N ALA B 20 -0.58 -10.03 2.22
CA ALA B 20 -1.48 -8.98 1.84
C ALA B 20 -2.24 -8.52 3.07
N LEU B 21 -2.59 -9.46 3.93
CA LEU B 21 -3.36 -9.20 5.14
C LEU B 21 -2.56 -8.58 6.27
N THR B 22 -1.27 -8.93 6.38
CA THR B 22 -0.45 -8.53 7.53
C THR B 22 0.69 -7.59 7.21
N ASN B 23 1.00 -7.46 5.91
CA ASN B 23 2.00 -6.50 5.46
C ASN B 23 3.25 -6.68 6.25
N ALA B 24 3.78 -5.68 6.96
CA ALA B 24 5.05 -5.91 7.72
C ALA B 24 4.80 -6.39 9.15
N ASN B 25 3.54 -6.46 9.55
CA ASN B 25 3.19 -6.97 10.86
C ASN B 25 3.15 -8.47 10.85
N GLN B 26 4.31 -9.06 10.87
CA GLN B 26 4.38 -10.50 10.84
C GLN B 26 5.75 -10.94 11.26
N ARG B 27 5.83 -12.16 11.73
CA ARG B 27 7.09 -12.68 12.19
C ARG B 27 7.10 -14.17 12.01
N VAL B 28 8.22 -14.78 12.40
CA VAL B 28 8.49 -16.16 12.17
C VAL B 28 9.09 -16.75 13.41
N GLY B 29 8.72 -17.99 13.70
CA GLY B 29 9.37 -18.74 14.73
C GLY B 29 9.12 -20.19 14.39
N ASN B 30 9.59 -21.11 15.21
CA ASN B 30 9.41 -22.49 14.91
C ASN B 30 8.03 -22.92 15.41
N TRP B 31 7.43 -23.88 14.74
CA TRP B 31 6.38 -24.63 15.38
C TRP B 31 6.97 -25.49 16.50
N PRO B 32 6.16 -25.69 17.56
CA PRO B 32 6.62 -26.26 18.82
C PRO B 32 7.21 -27.65 18.67
N GLY B 33 8.43 -27.82 19.16
CA GLY B 33 9.06 -29.14 19.17
C GLY B 33 9.74 -29.57 17.87
N VAL B 34 9.50 -28.81 16.79
CA VAL B 34 10.08 -29.09 15.50
C VAL B 34 10.87 -27.87 15.03
N THR B 35 11.61 -28.01 13.95
CA THR B 35 12.35 -26.85 13.44
C THR B 35 11.66 -26.22 12.26
N VAL B 36 10.46 -26.69 11.90
CA VAL B 36 9.64 -26.07 10.85
C VAL B 36 9.11 -24.72 11.29
N GLU B 37 9.11 -23.76 10.39
CA GLU B 37 8.84 -22.36 10.70
C GLU B 37 7.38 -22.00 10.74
N LYS B 38 7.03 -21.16 11.68
CA LYS B 38 5.64 -20.78 11.91
C LYS B 38 5.53 -19.30 11.73
N LYS B 39 4.47 -18.94 11.04
CA LYS B 39 4.33 -17.61 10.57
C LYS B 39 3.04 -17.05 11.10
N THR B 40 3.23 -15.88 11.69
CA THR B 40 2.24 -15.28 12.56
C THR B 40 2.22 -13.81 12.23
N GLY B 41 1.04 -13.21 12.26
CA GLY B 41 0.95 -11.75 12.15
C GLY B 41 -0.45 -11.29 12.50
N GLU B 42 -0.76 -10.03 12.22
CA GLU B 42 -2.04 -9.48 12.60
C GLU B 42 -2.38 -8.21 11.86
N PHE B 43 -3.66 -7.82 11.92
CA PHE B 43 -4.09 -6.56 11.34
C PHE B 43 -5.37 -6.11 12.00
N LEU B 44 -5.74 -4.86 11.76
CA LEU B 44 -6.88 -4.23 12.37
C LEU B 44 -7.98 -4.06 11.35
N LEU B 45 -9.22 -4.44 11.68
CA LEU B 45 -10.40 -3.98 10.91
C LEU B 45 -11.22 -3.04 11.73
N GLY B 46 -11.06 -1.74 11.42
CA GLY B 46 -11.57 -0.70 12.27
C GLY B 46 -10.91 -0.93 13.61
N GLU B 47 -11.70 -1.32 14.62
CA GLU B 47 -11.19 -1.40 15.97
C GLU B 47 -10.89 -2.82 16.41
N HIS B 48 -11.13 -3.80 15.54
CA HIS B 48 -10.87 -5.23 15.86
C HIS B 48 -9.47 -5.67 15.43
N LEU B 49 -8.71 -6.18 16.41
CA LEU B 49 -7.42 -6.85 16.16
C LEU B 49 -7.64 -8.23 15.64
N ILE B 50 -6.97 -8.59 14.55
CA ILE B 50 -7.12 -9.94 14.04
C ILE B 50 -5.79 -10.62 13.95
N GLU B 51 -5.65 -11.75 14.63
CA GLU B 51 -4.38 -12.44 14.63
C GLU B 51 -4.57 -13.56 13.65
N ILE B 52 -3.54 -13.85 12.90
CA ILE B 52 -3.66 -14.83 11.88
C ILE B 52 -2.43 -15.71 11.99
N THR B 53 -2.61 -17.03 11.98
CA THR B 53 -1.48 -17.90 11.90
C THR B 53 -1.55 -18.76 10.65
N ASP B 54 -0.44 -18.84 9.93
CA ASP B 54 -0.40 -19.63 8.70
C ASP B 54 -0.12 -21.10 8.99
N LEU B 55 -0.98 -21.99 8.50
CA LEU B 55 -0.70 -23.43 8.58
C LEU B 55 -0.07 -23.88 7.30
N PRO B 56 0.86 -24.87 7.38
CA PRO B 56 1.47 -25.40 6.18
C PRO B 56 0.42 -26.05 5.37
N GLY B 57 0.63 -26.07 4.05
CA GLY B 57 -0.35 -26.55 3.11
C GLY B 57 -0.49 -28.07 3.10
N VAL B 58 -1.71 -28.54 2.96
CA VAL B 58 -1.98 -29.93 3.01
C VAL B 58 -3.07 -30.21 2.00
N TYR B 59 -2.90 -31.31 1.27
CA TYR B 59 -4.01 -31.87 0.54
C TYR B 59 -5.15 -32.25 1.49
N SER B 60 -4.84 -32.99 2.55
CA SER B 60 -5.87 -33.44 3.50
C SER B 60 -5.37 -33.62 4.93
N LEU B 61 -6.29 -33.45 5.88
CA LEU B 61 -6.02 -33.59 7.31
C LEU B 61 -6.01 -35.03 7.77
N VAL B 62 -6.30 -35.97 6.87
CA VAL B 62 -6.16 -37.40 7.16
C VAL B 62 -4.69 -37.68 6.93
N ALA B 63 -4.07 -38.40 7.87
CA ALA B 63 -2.62 -38.50 7.96
C ALA B 63 -2.30 -39.92 8.42
N ASN B 64 -1.70 -40.75 7.57
CA ASN B 64 -1.16 -42.06 8.04
C ASN B 64 0.26 -42.01 8.74
N ALA B 65 0.44 -42.92 9.70
CA ALA B 65 1.71 -43.14 10.45
C ALA B 65 2.98 -43.08 9.60
N GLU B 66 3.15 -44.11 8.76
CA GLU B 66 4.22 -44.20 7.77
C GLU B 66 4.22 -43.08 6.72
N GLY B 67 5.40 -42.81 6.15
CA GLY B 67 5.61 -41.68 5.23
C GLY B 67 5.23 -40.33 5.83
N ILE B 68 5.83 -40.01 6.97
CA ILE B 68 5.46 -38.79 7.72
C ILE B 68 5.90 -37.52 7.03
N SER B 69 4.94 -36.75 6.56
CA SER B 69 5.24 -35.39 6.12
C SER B 69 4.98 -34.46 7.30
N GLN B 70 5.99 -33.68 7.69
CA GLN B 70 5.86 -32.79 8.85
C GLN B 70 4.81 -31.69 8.68
N ASP B 71 4.59 -31.28 7.45
CA ASP B 71 3.60 -30.29 7.18
C ASP B 71 2.23 -30.89 7.34
N GLU B 72 2.00 -32.05 6.75
CA GLU B 72 0.73 -32.73 6.90
C GLU B 72 0.40 -32.70 8.40
N GLN B 73 1.39 -33.17 9.17
CA GLN B 73 1.30 -33.36 10.63
C GLN B 73 1.02 -32.09 11.44
N ILE B 74 1.74 -31.03 11.15
CA ILE B 74 1.59 -29.81 11.90
C ILE B 74 0.19 -29.23 11.63
N ALA B 75 -0.30 -29.32 10.40
CA ALA B 75 -1.64 -28.81 10.09
C ALA B 75 -2.74 -29.66 10.74
N ALA B 76 -2.67 -30.98 10.57
CA ALA B 76 -3.61 -31.88 11.22
C ALA B 76 -3.73 -31.60 12.73
N GLN B 77 -2.59 -31.49 13.44
CA GLN B 77 -2.62 -31.29 14.89
C GLN B 77 -3.14 -29.89 15.26
N SER B 78 -2.82 -28.88 14.45
CA SER B 78 -3.07 -27.52 14.82
C SER B 78 -4.54 -27.14 14.77
N VAL B 79 -5.30 -27.72 13.84
CA VAL B 79 -6.73 -27.49 13.80
C VAL B 79 -7.41 -28.03 15.05
N ILE B 80 -6.74 -28.95 15.74
CA ILE B 80 -7.23 -29.49 16.98
C ILE B 80 -6.68 -28.73 18.18
N ASP B 81 -5.37 -28.47 18.14
CA ASP B 81 -4.66 -27.96 19.32
C ASP B 81 -4.80 -26.49 19.55
N LEU B 82 -4.87 -25.69 18.50
CA LEU B 82 -4.85 -24.26 18.69
C LEU B 82 -6.22 -23.75 19.14
N GLU B 83 -6.26 -22.66 19.93
CA GLU B 83 -7.50 -21.95 20.25
C GLU B 83 -7.68 -20.94 19.19
N TYR B 84 -8.73 -21.06 18.40
CA TYR B 84 -8.97 -20.08 17.38
C TYR B 84 -10.47 -19.89 17.09
N ASP B 85 -10.80 -18.76 16.47
CA ASP B 85 -12.18 -18.35 16.34
C ASP B 85 -12.75 -18.66 14.98
N CYS B 86 -11.91 -18.71 13.95
CA CYS B 86 -12.36 -19.10 12.64
C CYS B 86 -11.24 -19.41 11.64
N ILE B 87 -11.66 -19.85 10.45
CA ILE B 87 -10.73 -20.36 9.44
C ILE B 87 -10.95 -19.65 8.12
N ILE B 88 -9.86 -19.09 7.60
CA ILE B 88 -9.81 -18.57 6.24
C ILE B 88 -9.26 -19.69 5.38
N ASN B 89 -10.13 -20.31 4.61
CA ASN B 89 -9.73 -21.34 3.71
C ASN B 89 -9.46 -20.73 2.35
N VAL B 90 -8.18 -20.75 1.94
CA VAL B 90 -7.72 -20.25 0.65
C VAL B 90 -7.72 -21.37 -0.35
N ILE B 91 -8.46 -21.15 -1.42
CA ILE B 91 -8.68 -22.13 -2.47
C ILE B 91 -8.16 -21.54 -3.74
N ASP B 92 -7.37 -22.29 -4.52
CA ASP B 92 -6.91 -21.78 -5.82
C ASP B 92 -8.02 -22.09 -6.82
N ALA B 93 -8.55 -21.05 -7.47
CA ALA B 93 -9.70 -21.16 -8.36
C ALA B 93 -9.44 -22.04 -9.55
N CYS B 94 -8.19 -22.35 -9.79
CA CYS B 94 -7.77 -23.19 -10.90
C CYS B 94 -7.83 -24.66 -10.55
N HIS B 95 -7.96 -24.99 -9.28
CA HIS B 95 -8.07 -26.39 -8.91
C HIS B 95 -9.24 -26.54 -7.96
N LEU B 96 -10.37 -25.90 -8.26
CA LEU B 96 -11.52 -25.94 -7.36
C LEU B 96 -11.80 -27.34 -6.78
N GLU B 97 -11.72 -28.38 -7.60
CA GLU B 97 -12.16 -29.70 -7.16
C GLU B 97 -11.22 -30.35 -6.19
N ARG B 98 -9.94 -30.40 -6.51
CA ARG B 98 -8.97 -30.98 -5.61
C ARG B 98 -8.95 -30.28 -4.27
N HIS B 99 -8.97 -28.95 -4.33
CA HIS B 99 -8.77 -28.13 -3.15
C HIS B 99 -9.94 -28.24 -2.20
N LEU B 100 -11.14 -28.46 -2.75
CA LEU B 100 -12.34 -28.58 -1.91
C LEU B 100 -12.31 -29.80 -1.00
N TYR B 101 -11.46 -30.79 -1.28
CA TYR B 101 -11.45 -31.98 -0.43
C TYR B 101 -11.10 -31.52 1.00
N LEU B 102 -9.96 -30.88 1.15
CA LEU B 102 -9.58 -30.22 2.40
C LEU B 102 -10.71 -29.36 2.99
N THR B 103 -11.33 -28.52 2.18
CA THR B 103 -12.47 -27.72 2.65
C THR B 103 -13.58 -28.57 3.27
N SER B 104 -13.96 -29.72 2.69
CA SER B 104 -15.02 -30.48 3.32
C SER B 104 -14.60 -30.90 4.69
N GLN B 105 -13.32 -31.22 4.81
CA GLN B 105 -12.78 -31.68 6.06
C GLN B 105 -12.83 -30.53 7.11
N LEU B 106 -12.31 -29.35 6.73
CA LEU B 106 -12.31 -28.16 7.60
C LEU B 106 -13.71 -27.85 8.15
N PHE B 107 -14.74 -28.01 7.33
CA PHE B 107 -16.14 -27.87 7.69
C PHE B 107 -16.58 -28.75 8.83
N GLU B 108 -15.95 -29.89 9.01
CA GLU B 108 -16.35 -30.77 10.09
C GLU B 108 -15.74 -30.40 11.43
N LEU B 109 -14.90 -29.39 11.45
CA LEU B 109 -14.32 -28.92 12.69
C LEU B 109 -15.32 -28.16 13.54
N GLY B 110 -16.39 -27.67 12.97
CA GLY B 110 -17.38 -26.94 13.76
C GLY B 110 -17.02 -25.49 14.07
N LYS B 111 -16.06 -24.95 13.35
CA LYS B 111 -15.65 -23.57 13.46
C LYS B 111 -16.07 -22.81 12.21
N PRO B 112 -16.36 -21.48 12.35
CA PRO B 112 -16.66 -20.62 11.19
C PRO B 112 -15.54 -20.67 10.22
N VAL B 113 -15.90 -20.67 8.94
CA VAL B 113 -14.96 -20.70 7.86
C VAL B 113 -15.48 -19.77 6.78
N VAL B 114 -14.57 -18.99 6.22
CA VAL B 114 -14.78 -18.22 5.01
C VAL B 114 -13.82 -18.77 3.95
N VAL B 115 -14.30 -18.82 2.70
CA VAL B 115 -13.48 -19.28 1.58
C VAL B 115 -12.89 -18.09 0.83
N ALA B 116 -11.57 -18.07 0.71
CA ALA B 116 -10.90 -17.07 -0.12
C ALA B 116 -10.49 -17.74 -1.42
N LEU B 117 -11.31 -17.48 -2.46
CA LEU B 117 -11.12 -18.05 -3.81
C LEU B 117 -10.07 -17.28 -4.56
N ASN B 118 -8.85 -17.75 -4.52
CA ASN B 118 -7.74 -17.00 -5.09
C ASN B 118 -7.57 -17.34 -6.56
N MET B 119 -6.76 -16.55 -7.26
CA MET B 119 -6.33 -16.83 -8.63
C MET B 119 -7.45 -16.74 -9.69
N MET B 120 -8.45 -15.94 -9.39
CA MET B 120 -9.53 -15.68 -10.32
C MET B 120 -8.99 -15.24 -11.69
N ASP B 121 -7.86 -14.54 -11.69
CA ASP B 121 -7.24 -14.02 -12.92
C ASP B 121 -6.54 -15.13 -13.75
N ILE B 122 -5.84 -16.04 -13.06
CA ILE B 122 -5.30 -17.22 -13.74
C ILE B 122 -6.40 -18.17 -14.16
N ALA B 123 -7.48 -18.21 -13.39
CA ALA B 123 -8.61 -19.09 -13.69
C ALA B 123 -9.28 -18.67 -14.98
N GLU B 124 -9.55 -17.37 -15.09
CA GLU B 124 -10.15 -16.75 -16.28
C GLU B 124 -9.30 -16.89 -17.54
N HIS B 125 -8.01 -16.64 -17.40
CA HIS B 125 -7.07 -16.85 -18.50
C HIS B 125 -7.03 -18.28 -19.02
N ARG B 126 -7.26 -19.27 -18.14
CA ARG B 126 -7.42 -20.68 -18.59
C ARG B 126 -8.87 -21.08 -19.00
N GLY B 127 -9.78 -20.10 -19.15
CA GLY B 127 -11.17 -20.41 -19.50
C GLY B 127 -11.94 -21.12 -18.39
N ILE B 128 -11.49 -21.00 -17.15
CA ILE B 128 -12.26 -21.54 -16.03
C ILE B 128 -13.25 -20.51 -15.54
N SER B 129 -14.50 -20.90 -15.55
CA SER B 129 -15.55 -20.01 -15.12
C SER B 129 -16.21 -20.68 -13.95
N ILE B 130 -16.32 -19.92 -12.85
CA ILE B 130 -17.01 -20.35 -11.63
C ILE B 130 -18.20 -19.42 -11.28
N ASP B 131 -19.35 -20.01 -10.96
CA ASP B 131 -20.44 -19.25 -10.34
C ASP B 131 -20.17 -19.16 -8.83
N THR B 132 -19.67 -18.00 -8.41
CA THR B 132 -19.38 -17.69 -7.01
C THR B 132 -20.54 -17.79 -5.97
N GLU B 133 -21.70 -17.33 -6.40
CA GLU B 133 -22.84 -17.23 -5.55
C GLU B 133 -23.51 -18.59 -5.38
N LYS B 134 -23.38 -19.46 -6.40
CA LYS B 134 -23.92 -20.82 -6.28
C LYS B 134 -22.95 -21.67 -5.46
N LEU B 135 -21.66 -21.48 -5.65
CA LEU B 135 -20.68 -22.17 -4.82
C LEU B 135 -20.91 -21.79 -3.36
N GLU B 136 -21.08 -20.50 -3.10
CA GLU B 136 -21.42 -20.01 -1.77
C GLU B 136 -22.61 -20.78 -1.26
N SER B 137 -23.63 -20.76 -2.11
CA SER B 137 -24.94 -21.28 -1.82
C SER B 137 -24.86 -22.73 -1.43
N LEU B 138 -24.06 -23.48 -2.18
CA LEU B 138 -23.99 -24.91 -1.98
C LEU B 138 -23.05 -25.22 -0.84
N LEU B 139 -21.98 -24.46 -0.71
CA LEU B 139 -21.02 -24.70 0.37
C LEU B 139 -21.61 -24.26 1.69
N GLY B 140 -22.62 -23.39 1.64
CA GLY B 140 -23.26 -22.89 2.85
C GLY B 140 -22.33 -22.08 3.73
N CYS B 141 -21.25 -21.58 3.16
CA CYS B 141 -20.40 -20.60 3.81
C CYS B 141 -20.03 -19.55 2.78
N SER B 142 -19.51 -18.45 3.28
CA SER B 142 -19.26 -17.29 2.46
C SER B 142 -18.03 -17.51 1.54
N VAL B 143 -18.15 -17.14 0.27
CA VAL B 143 -17.13 -17.45 -0.73
C VAL B 143 -16.68 -16.17 -1.39
N ILE B 144 -15.44 -15.74 -1.16
CA ILE B 144 -14.97 -14.45 -1.62
C ILE B 144 -13.88 -14.54 -2.66
N PRO B 145 -14.19 -14.11 -3.88
CA PRO B 145 -13.20 -13.98 -4.95
C PRO B 145 -12.13 -12.96 -4.64
N ILE B 146 -10.88 -13.33 -4.87
CA ILE B 146 -9.77 -12.43 -4.66
C ILE B 146 -8.71 -12.73 -5.70
N GLN B 147 -7.86 -11.74 -5.97
CA GLN B 147 -6.54 -11.99 -6.57
C GLN B 147 -5.50 -11.36 -5.62
N ALA B 148 -5.02 -12.22 -4.74
CA ALA B 148 -4.28 -11.83 -3.59
C ALA B 148 -3.04 -11.13 -4.00
N HIS B 149 -2.36 -11.68 -4.98
CA HIS B 149 -1.15 -11.03 -5.55
C HIS B 149 -1.29 -9.58 -6.13
N LYS B 150 -2.53 -9.11 -6.34
CA LYS B 150 -2.82 -7.81 -6.90
C LYS B 150 -3.72 -7.06 -5.93
N ASN B 151 -3.85 -7.64 -4.75
CA ASN B 151 -4.64 -7.06 -3.70
C ASN B 151 -6.13 -6.86 -4.00
N ILE B 152 -6.70 -7.56 -4.99
CA ILE B 152 -8.12 -7.42 -5.35
C ILE B 152 -8.97 -8.39 -4.52
N GLY B 153 -9.95 -7.88 -3.78
CA GLY B 153 -10.86 -8.74 -2.98
C GLY B 153 -10.59 -8.74 -1.48
N ILE B 154 -9.34 -8.51 -1.11
CA ILE B 154 -8.93 -8.33 0.29
C ILE B 154 -9.86 -7.50 1.17
N PRO B 155 -10.36 -6.38 0.66
CA PRO B 155 -11.26 -5.63 1.53
C PRO B 155 -12.54 -6.42 1.77
N ALA B 156 -13.17 -6.90 0.72
CA ALA B 156 -14.34 -7.77 0.85
C ALA B 156 -14.01 -8.95 1.78
N LEU B 157 -12.84 -9.56 1.61
CA LEU B 157 -12.51 -10.71 2.48
C LEU B 157 -12.32 -10.22 3.92
N GLN B 158 -11.64 -9.09 4.08
CA GLN B 158 -11.57 -8.40 5.35
C GLN B 158 -12.99 -8.27 5.90
N GLN B 159 -13.89 -7.60 5.20
CA GLN B 159 -15.27 -7.43 5.67
C GLN B 159 -15.97 -8.72 6.09
N SER B 160 -15.87 -9.74 5.28
CA SER B 160 -16.48 -11.00 5.61
C SER B 160 -15.92 -11.66 6.91
N LEU B 161 -14.76 -11.25 7.37
CA LEU B 161 -14.23 -11.78 8.62
C LEU B 161 -14.92 -11.25 9.85
N LEU B 162 -15.24 -9.96 9.85
CA LEU B 162 -16.00 -9.35 10.95
C LEU B 162 -17.24 -10.17 11.25
N HIS B 163 -17.93 -10.63 10.20
CA HIS B 163 -19.20 -11.40 10.33
C HIS B 163 -19.01 -12.93 10.15
N CYS B 164 -17.80 -13.42 10.44
CA CYS B 164 -17.52 -14.87 10.42
C CYS B 164 -17.76 -15.48 11.79
N SER B 165 -19.05 -15.59 12.15
CA SER B 165 -19.50 -15.95 13.50
C SER B 165 -20.05 -17.39 13.63
N GLN B 166 -20.49 -17.96 12.51
CA GLN B 166 -21.39 -19.13 12.51
C GLN B 166 -20.74 -20.33 11.96
N LYS B 167 -20.80 -21.43 12.70
CA LYS B 167 -20.17 -22.63 12.24
C LYS B 167 -20.88 -23.12 10.98
N ILE B 168 -20.18 -23.93 10.20
CA ILE B 168 -20.66 -24.34 8.92
C ILE B 168 -21.16 -25.80 9.04
N LYS B 169 -22.37 -26.06 8.52
CA LYS B 169 -22.91 -27.42 8.51
C LYS B 169 -22.00 -28.28 7.63
N PRO B 170 -21.70 -29.53 8.03
CA PRO B 170 -20.91 -30.37 7.16
C PRO B 170 -21.59 -30.60 5.88
N LEU B 171 -20.80 -30.90 4.86
CA LEU B 171 -21.37 -31.34 3.60
C LEU B 171 -22.13 -32.64 3.80
N LYS B 172 -23.33 -32.69 3.22
CA LYS B 172 -24.12 -33.91 3.26
C LYS B 172 -23.62 -34.90 2.23
N LEU B 173 -23.07 -35.99 2.72
CA LEU B 173 -22.60 -37.07 1.88
C LEU B 173 -23.74 -38.04 1.60
N SER B 174 -23.72 -38.67 0.44
CA SER B 174 -24.73 -39.68 0.16
C SER B 174 -24.14 -41.02 0.64
N LEU B 175 -24.56 -41.47 1.82
CA LEU B 175 -23.93 -42.59 2.48
C LEU B 175 -24.91 -43.68 2.78
N SER B 176 -24.41 -44.91 2.92
CA SER B 176 -25.25 -46.05 3.29
C SER B 176 -25.81 -45.97 4.75
N VAL B 177 -26.94 -46.66 5.03
CA VAL B 177 -27.50 -46.68 6.39
C VAL B 177 -26.48 -47.22 7.42
N ALA B 178 -25.80 -48.32 7.04
CA ALA B 178 -24.72 -48.94 7.81
C ALA B 178 -23.59 -47.94 8.02
N ALA B 179 -23.12 -47.38 6.91
CA ALA B 179 -22.07 -46.38 6.95
C ALA B 179 -22.49 -45.17 7.79
N GLN B 180 -23.70 -44.66 7.61
CA GLN B 180 -24.17 -43.57 8.45
C GLN B 180 -24.25 -44.04 9.91
N GLN B 181 -24.82 -45.23 10.13
CA GLN B 181 -25.05 -45.65 11.49
C GLN B 181 -23.77 -45.81 12.32
N ILE B 182 -22.74 -46.41 11.73
CA ILE B 182 -21.46 -46.53 12.48
C ILE B 182 -20.91 -45.13 12.87
N LEU B 183 -20.93 -44.18 11.94
CA LEU B 183 -20.38 -42.87 12.20
C LEU B 183 -21.13 -42.15 13.31
N ASN B 184 -22.42 -42.40 13.44
CA ASN B 184 -23.18 -41.80 14.50
C ASN B 184 -22.85 -42.45 15.83
N ASP B 185 -22.71 -43.77 15.83
CA ASP B 185 -22.48 -44.51 17.05
C ASP B 185 -21.09 -44.15 17.57
N LEU B 186 -20.14 -44.00 16.67
CA LEU B 186 -18.78 -43.57 17.00
C LEU B 186 -18.76 -42.17 17.59
N GLU B 187 -19.43 -41.26 16.92
CA GLU B 187 -19.62 -39.92 17.44
C GLU B 187 -20.19 -39.96 18.88
N ASN B 188 -21.23 -40.75 19.12
CA ASN B 188 -21.82 -40.85 20.46
C ASN B 188 -20.88 -41.52 21.44
N GLN B 189 -20.20 -42.59 21.02
CA GLN B 189 -19.22 -43.22 21.91
C GLN B 189 -18.21 -42.17 22.36
N LEU B 190 -17.70 -41.40 21.43
CA LEU B 190 -16.70 -40.39 21.77
C LEU B 190 -17.23 -39.33 22.72
N ILE B 191 -18.49 -38.95 22.58
CA ILE B 191 -19.08 -37.97 23.50
C ILE B 191 -19.07 -38.64 24.86
N SER B 192 -19.52 -39.87 24.85
CA SER B 192 -19.76 -40.61 26.06
C SER B 192 -18.50 -40.69 26.86
N LYS B 193 -17.34 -40.72 26.19
CA LYS B 193 -16.07 -40.84 26.89
C LYS B 193 -15.54 -39.46 27.27
N GLY B 194 -16.34 -38.43 27.05
CA GLY B 194 -16.03 -37.10 27.52
C GLY B 194 -15.23 -36.27 26.53
N TYR B 195 -15.28 -36.63 25.25
CA TYR B 195 -14.74 -35.75 24.22
C TYR B 195 -15.64 -34.55 24.03
N LYS B 196 -15.02 -33.41 23.77
CA LYS B 196 -15.74 -32.19 23.48
C LYS B 196 -16.76 -32.52 22.35
N ASN B 197 -17.87 -31.82 22.30
CA ASN B 197 -18.93 -32.19 21.36
C ASN B 197 -18.51 -32.08 19.87
N SER B 198 -18.22 -30.86 19.40
CA SER B 198 -17.61 -30.57 18.07
C SER B 198 -16.44 -31.46 17.67
N PHE B 199 -15.56 -31.71 18.62
CA PHE B 199 -14.43 -32.58 18.37
C PHE B 199 -14.90 -34.03 18.15
N ALA B 200 -16.02 -34.42 18.77
CA ALA B 200 -16.49 -35.80 18.63
C ALA B 200 -16.86 -36.11 17.19
N TYR B 201 -17.68 -35.25 16.61
CA TYR B 201 -17.98 -35.30 15.17
C TYR B 201 -16.76 -35.34 14.28
N TYR B 202 -15.82 -34.44 14.51
CA TYR B 202 -14.69 -34.32 13.60
C TYR B 202 -13.81 -35.53 13.69
N PHE B 203 -13.60 -36.00 14.90
CA PHE B 203 -12.70 -37.11 15.15
C PHE B 203 -13.34 -38.41 14.59
N SER B 204 -14.67 -38.49 14.66
CA SER B 204 -15.38 -39.65 14.19
C SER B 204 -15.17 -39.81 12.68
N ARG B 205 -15.34 -38.74 11.92
CA ARG B 205 -15.03 -38.82 10.49
C ARG B 205 -13.55 -39.07 10.18
N ARG B 206 -12.66 -38.40 10.86
CA ARG B 206 -11.26 -38.63 10.59
C ARG B 206 -10.84 -40.06 10.89
N LEU B 207 -11.37 -40.64 11.95
CA LEU B 207 -11.05 -42.01 12.33
C LEU B 207 -11.57 -43.06 11.35
N ALA B 208 -12.84 -42.91 10.98
CA ALA B 208 -13.52 -43.75 10.00
C ALA B 208 -12.78 -43.75 8.69
N GLU B 209 -12.00 -42.71 8.44
CA GLU B 209 -11.03 -42.68 7.33
C GLU B 209 -9.63 -43.10 7.80
N GLY B 210 -9.55 -43.83 8.91
CA GLY B 210 -8.27 -44.30 9.43
C GLY B 210 -7.17 -43.25 9.53
N ASP B 211 -7.50 -42.13 10.15
CA ASP B 211 -6.46 -41.18 10.52
C ASP B 211 -5.67 -41.76 11.72
N THR B 212 -4.35 -41.79 11.53
CA THR B 212 -3.40 -42.20 12.58
C THR B 212 -3.49 -41.26 13.75
N LEU B 213 -3.42 -39.97 13.46
CA LEU B 213 -3.32 -38.94 14.50
C LEU B 213 -4.64 -38.83 15.26
N ASP B 235 -14.88 -46.47 5.26
CA ASP B 235 -13.42 -46.28 5.11
C ASP B 235 -13.07 -45.79 3.68
N VAL B 236 -12.99 -46.72 2.75
CA VAL B 236 -12.81 -46.34 1.37
C VAL B 236 -14.10 -45.69 0.94
N LEU B 237 -15.24 -46.33 1.28
CA LEU B 237 -16.53 -45.87 0.79
C LEU B 237 -16.85 -44.48 1.28
N LEU B 238 -16.24 -44.08 2.41
CA LEU B 238 -16.33 -42.68 2.87
C LEU B 238 -15.58 -41.69 1.98
N ALA B 239 -14.40 -42.09 1.50
CA ALA B 239 -13.66 -41.28 0.54
C ALA B 239 -14.49 -41.01 -0.71
N ASP B 240 -15.05 -42.05 -1.27
CA ASP B 240 -15.90 -41.87 -2.44
C ASP B 240 -17.11 -40.94 -2.20
N ALA B 241 -17.76 -41.04 -1.05
CA ALA B 241 -18.90 -40.16 -0.77
C ALA B 241 -18.38 -38.75 -0.73
N ARG B 242 -17.22 -38.56 -0.11
CA ARG B 242 -16.60 -37.24 -0.08
C ARG B 242 -16.33 -36.76 -1.49
N TYR B 243 -15.72 -37.57 -2.35
CA TYR B 243 -15.43 -37.11 -3.71
C TYR B 243 -16.68 -36.86 -4.60
N GLN B 244 -17.71 -37.68 -4.44
CA GLN B 244 -18.94 -37.51 -5.21
C GLN B 244 -19.62 -36.21 -4.86
N LYS B 245 -19.73 -35.88 -3.57
CA LYS B 245 -20.32 -34.61 -3.23
C LYS B 245 -19.49 -33.45 -3.80
N ILE B 246 -18.17 -33.49 -3.67
CA ILE B 246 -17.36 -32.38 -4.19
C ILE B 246 -17.50 -32.32 -5.69
N HIS B 247 -17.39 -33.45 -6.36
CA HIS B 247 -17.61 -33.46 -7.80
C HIS B 247 -18.97 -32.87 -8.20
N GLU B 248 -20.04 -33.36 -7.59
CA GLU B 248 -21.38 -32.81 -7.78
C GLU B 248 -21.37 -31.27 -7.63
N ILE B 249 -20.58 -30.76 -6.70
CA ILE B 249 -20.53 -29.31 -6.50
C ILE B 249 -19.79 -28.66 -7.67
N VAL B 250 -18.64 -29.23 -8.02
CA VAL B 250 -17.81 -28.71 -9.10
C VAL B 250 -18.64 -28.59 -10.36
N THR B 251 -19.23 -29.71 -10.75
CA THR B 251 -20.08 -29.81 -11.93
C THR B 251 -21.17 -28.75 -11.95
N LEU B 252 -21.78 -28.47 -10.79
CA LEU B 252 -22.91 -27.52 -10.69
C LEU B 252 -22.52 -26.05 -10.84
N VAL B 253 -21.25 -25.79 -10.58
CA VAL B 253 -20.75 -24.44 -10.34
C VAL B 253 -19.71 -23.96 -11.40
N GLN B 254 -18.94 -24.89 -11.97
CA GLN B 254 -17.77 -24.57 -12.76
C GLN B 254 -17.90 -25.03 -14.21
N LYS B 255 -17.90 -24.09 -15.17
CA LYS B 255 -18.13 -24.43 -16.59
C LYS B 255 -16.92 -25.15 -17.21
N LYS B 256 -15.80 -24.42 -17.33
CA LYS B 256 -14.55 -24.89 -17.95
C LYS B 256 -14.67 -25.30 -19.44
N THR C 2 -2.87 9.18 -21.19
CA THR C 2 -4.06 9.99 -20.84
C THR C 2 -3.65 11.07 -19.85
N HIS C 3 -4.06 12.33 -20.07
CA HIS C 3 -3.86 13.40 -19.08
C HIS C 3 -5.22 13.78 -18.44
N ALA C 4 -5.26 13.71 -17.11
CA ALA C 4 -6.43 14.05 -16.32
C ALA C 4 -6.15 15.26 -15.48
N LEU C 5 -7.10 16.19 -15.48
CA LEU C 5 -7.08 17.31 -14.58
C LEU C 5 -8.03 17.01 -13.45
N LEU C 6 -7.56 17.31 -12.26
CA LEU C 6 -8.28 17.08 -11.03
C LEU C 6 -8.74 18.45 -10.55
N ILE C 7 -10.05 18.68 -10.66
CA ILE C 7 -10.69 19.95 -10.37
C ILE C 7 -11.76 19.72 -9.35
N GLY C 8 -11.96 20.69 -8.46
CA GLY C 8 -13.16 20.70 -7.63
C GLY C 8 -13.17 21.95 -6.77
N ASN C 9 -14.10 22.03 -5.83
CA ASN C 9 -14.14 23.15 -4.89
C ASN C 9 -12.98 23.08 -3.90
N PRO C 10 -12.73 24.15 -3.15
CA PRO C 10 -11.69 24.04 -2.09
C PRO C 10 -12.14 23.09 -0.99
N ASN C 11 -11.20 22.47 -0.28
CA ASN C 11 -11.61 21.63 0.88
C ASN C 11 -12.51 20.45 0.54
N CYS C 12 -12.22 19.71 -0.51
CA CYS C 12 -13.10 18.58 -0.81
C CYS C 12 -12.36 17.27 -0.69
N GLY C 13 -11.13 17.37 -0.10
CA GLY C 13 -10.16 16.30 -0.02
C GLY C 13 -9.51 16.05 -1.36
N LYS C 14 -9.43 17.11 -2.18
CA LYS C 14 -8.87 16.98 -3.53
C LYS C 14 -7.38 16.56 -3.45
N THR C 15 -6.66 17.06 -2.45
CA THR C 15 -5.26 16.65 -2.31
C THR C 15 -5.11 15.20 -1.83
N THR C 16 -6.02 14.78 -0.96
CA THR C 16 -6.01 13.43 -0.49
C THR C 16 -6.16 12.50 -1.67
N LEU C 17 -7.14 12.74 -2.52
CA LEU C 17 -7.37 11.92 -3.72
C LEU C 17 -6.14 11.92 -4.59
N PHE C 18 -5.61 13.12 -4.83
CA PHE C 18 -4.40 13.23 -5.62
C PHE C 18 -3.29 12.37 -5.00
N ASN C 19 -3.13 12.43 -3.68
CA ASN C 19 -2.14 11.56 -3.04
C ASN C 19 -2.50 10.08 -3.21
N ALA C 20 -3.76 9.72 -3.10
CA ALA C 20 -4.22 8.33 -3.20
C ALA C 20 -3.98 7.71 -4.60
N LEU C 21 -4.17 8.54 -5.60
CA LEU C 21 -3.89 8.17 -6.96
C LEU C 21 -2.42 8.07 -7.32
N THR C 22 -1.58 8.98 -6.82
CA THR C 22 -0.18 9.11 -7.31
C THR C 22 0.86 8.70 -6.28
N ASN C 23 0.47 8.60 -5.03
CA ASN C 23 1.36 8.14 -3.99
C ASN C 23 2.64 8.90 -4.07
N ALA C 24 3.79 8.25 -4.22
CA ALA C 24 5.08 8.95 -4.22
C ALA C 24 5.51 9.40 -5.63
N ASN C 25 4.70 9.12 -6.62
CA ASN C 25 4.98 9.56 -8.00
C ASN C 25 4.29 10.89 -8.31
N GLN C 26 4.84 11.92 -7.69
CA GLN C 26 4.33 13.25 -7.82
C GLN C 26 5.41 14.25 -7.57
N ARG C 27 5.19 15.46 -8.05
CA ARG C 27 6.17 16.52 -7.83
C ARG C 27 5.56 17.91 -7.79
N VAL C 28 6.42 18.91 -7.62
CA VAL C 28 6.05 20.31 -7.43
C VAL C 28 6.88 21.14 -8.39
N GLY C 29 6.24 22.02 -9.13
CA GLY C 29 6.93 23.17 -9.70
C GLY C 29 6.02 24.36 -9.50
N ASN C 30 6.29 25.44 -10.24
CA ASN C 30 5.36 26.56 -10.20
C ASN C 30 4.57 26.52 -11.44
N TRP C 31 3.34 27.02 -11.35
CA TRP C 31 2.60 27.44 -12.52
C TRP C 31 3.39 28.54 -13.23
N PRO C 32 3.12 28.74 -14.52
CA PRO C 32 4.06 29.52 -15.33
C PRO C 32 3.98 31.02 -15.07
N GLY C 33 5.13 31.65 -14.91
CA GLY C 33 5.16 33.09 -14.75
C GLY C 33 4.76 33.55 -13.36
N VAL C 34 4.34 32.60 -12.52
CA VAL C 34 3.84 32.91 -11.17
C VAL C 34 4.55 32.06 -10.15
N THR C 35 4.29 32.29 -8.88
CA THR C 35 4.97 31.52 -7.86
C THR C 35 4.07 30.53 -7.18
N VAL C 36 2.83 30.40 -7.68
CA VAL C 36 1.86 29.41 -7.18
C VAL C 36 2.32 28.03 -7.59
N GLU C 37 2.58 27.18 -6.61
CA GLU C 37 3.14 25.87 -6.90
C GLU C 37 2.16 24.97 -7.60
N LYS C 38 2.64 24.17 -8.55
CA LYS C 38 1.80 23.23 -9.33
C LYS C 38 2.12 21.79 -8.96
N LYS C 39 1.09 21.05 -8.57
CA LYS C 39 1.19 19.63 -8.28
C LYS C 39 0.77 18.77 -9.48
N THR C 40 1.69 17.93 -9.94
CA THR C 40 1.47 16.97 -11.02
C THR C 40 2.05 15.65 -10.54
N GLY C 41 1.48 14.57 -11.02
CA GLY C 41 1.95 13.23 -10.75
C GLY C 41 1.37 12.29 -11.78
N GLU C 42 1.71 11.01 -11.65
CA GLU C 42 1.23 9.98 -12.56
C GLU C 42 1.03 8.63 -11.87
N PHE C 43 0.20 7.80 -12.47
CA PHE C 43 0.04 6.43 -12.00
C PHE C 43 -0.28 5.54 -13.17
N LEU C 44 -0.03 4.25 -12.96
CA LEU C 44 -0.37 3.21 -13.93
C LEU C 44 -1.72 2.56 -13.67
N LEU C 45 -2.45 2.35 -14.75
CA LEU C 45 -3.67 1.59 -14.69
C LEU C 45 -3.55 0.40 -15.65
N GLY C 46 -2.85 -0.62 -15.15
CA GLY C 46 -2.48 -1.76 -15.94
C GLY C 46 -1.41 -1.30 -16.89
N GLU C 47 -1.74 -1.20 -18.16
CA GLU C 47 -0.76 -0.81 -19.15
C GLU C 47 -0.84 0.66 -19.48
N HIS C 48 -1.90 1.34 -19.07
CA HIS C 48 -2.09 2.79 -19.35
C HIS C 48 -1.40 3.74 -18.35
N LEU C 49 -0.62 4.69 -18.87
CA LEU C 49 -0.06 5.78 -18.08
C LEU C 49 -1.12 6.86 -17.94
N ILE C 50 -1.39 7.31 -16.72
CA ILE C 50 -2.32 8.42 -16.50
C ILE C 50 -1.54 9.53 -15.80
N GLU C 51 -1.47 10.68 -16.41
CA GLU C 51 -0.80 11.79 -15.77
C GLU C 51 -1.93 12.60 -15.15
N ILE C 52 -1.73 13.17 -13.97
CA ILE C 52 -2.72 14.08 -13.48
C ILE C 52 -2.11 15.38 -12.96
N THR C 53 -2.82 16.47 -13.30
CA THR C 53 -2.49 17.75 -12.82
C THR C 53 -3.57 18.20 -11.88
N ASP C 54 -3.14 18.66 -10.72
CA ASP C 54 -4.05 19.14 -9.70
C ASP C 54 -4.33 20.59 -9.96
N LEU C 55 -5.59 20.97 -9.96
CA LEU C 55 -5.92 22.37 -10.19
C LEU C 55 -6.37 22.94 -8.88
N PRO C 56 -5.96 24.16 -8.57
CA PRO C 56 -6.42 24.75 -7.31
C PRO C 56 -7.89 24.70 -7.22
N GLY C 57 -8.42 24.44 -6.03
CA GLY C 57 -9.84 24.51 -5.80
C GLY C 57 -10.42 25.89 -6.06
N VAL C 58 -11.60 25.93 -6.68
CA VAL C 58 -12.36 27.14 -6.90
C VAL C 58 -13.84 26.82 -6.79
N TYR C 59 -14.65 27.81 -6.48
CA TYR C 59 -16.12 27.66 -6.45
C TYR C 59 -16.74 27.61 -7.83
N SER C 60 -16.31 28.55 -8.66
CA SER C 60 -16.79 28.73 -10.02
C SER C 60 -15.69 29.20 -10.97
N LEU C 61 -15.85 28.89 -12.26
CA LEU C 61 -14.84 29.26 -13.27
C LEU C 61 -14.92 30.74 -13.67
N VAL C 62 -15.99 31.40 -13.30
CA VAL C 62 -16.23 32.76 -13.80
C VAL C 62 -15.15 33.76 -13.33
N SER C 69 -9.13 35.68 -6.90
CA SER C 69 -7.92 34.97 -6.40
C SER C 69 -7.00 34.45 -7.51
N GLN C 70 -5.71 34.56 -7.27
CA GLN C 70 -4.66 33.97 -8.12
C GLN C 70 -4.91 32.48 -8.51
N ASP C 71 -5.36 31.68 -7.53
CA ASP C 71 -5.65 30.25 -7.72
C ASP C 71 -6.86 30.08 -8.58
N GLU C 72 -7.79 31.01 -8.40
CA GLU C 72 -9.01 31.02 -9.17
C GLU C 72 -8.70 31.32 -10.64
N GLN C 73 -7.82 32.30 -10.84
CA GLN C 73 -7.30 32.56 -12.17
C GLN C 73 -6.66 31.29 -12.75
N ILE C 74 -5.70 30.72 -12.00
CA ILE C 74 -4.91 29.63 -12.53
C ILE C 74 -5.77 28.49 -12.99
N ALA C 75 -6.87 28.21 -12.29
CA ALA C 75 -7.76 27.12 -12.67
C ALA C 75 -8.58 27.46 -13.90
N ALA C 76 -9.18 28.66 -13.91
CA ALA C 76 -10.04 29.08 -15.01
C ALA C 76 -9.30 29.04 -16.32
N GLN C 77 -8.09 29.54 -16.38
CA GLN C 77 -7.34 29.52 -17.63
C GLN C 77 -6.69 28.17 -17.98
N SER C 78 -6.44 27.33 -16.97
CA SER C 78 -5.73 26.08 -17.21
C SER C 78 -6.61 25.14 -17.95
N VAL C 79 -7.88 25.20 -17.62
CA VAL C 79 -8.90 24.44 -18.25
C VAL C 79 -9.00 24.78 -19.74
N ILE C 80 -8.56 25.99 -20.11
CA ILE C 80 -8.42 26.38 -21.48
C ILE C 80 -7.07 25.95 -22.04
N ASP C 81 -5.98 26.38 -21.41
CA ASP C 81 -4.60 26.25 -21.97
C ASP C 81 -3.95 24.89 -21.96
N LEU C 82 -4.40 23.99 -21.12
CA LEU C 82 -3.67 22.73 -21.04
C LEU C 82 -4.29 21.72 -22.02
N GLU C 83 -3.47 20.86 -22.59
CA GLU C 83 -3.94 19.74 -23.35
C GLU C 83 -4.29 18.67 -22.35
N TYR C 84 -5.55 18.27 -22.29
CA TYR C 84 -5.94 17.17 -21.42
C TYR C 84 -7.05 16.36 -22.06
N ASP C 85 -7.25 15.13 -21.55
CA ASP C 85 -8.17 14.17 -22.18
C ASP C 85 -9.48 14.03 -21.42
N CYS C 86 -9.41 14.22 -20.09
CA CYS C 86 -10.60 14.18 -19.27
C CYS C 86 -10.41 14.79 -17.90
N ILE C 87 -11.53 14.97 -17.20
CA ILE C 87 -11.54 15.67 -15.92
C ILE C 87 -12.05 14.78 -14.80
N ILE C 88 -11.37 14.85 -13.66
CA ILE C 88 -11.85 14.23 -12.43
C ILE C 88 -12.36 15.36 -11.55
N ASN C 89 -13.69 15.48 -11.48
CA ASN C 89 -14.35 16.47 -10.65
C ASN C 89 -14.59 15.89 -9.29
N VAL C 90 -13.82 16.38 -8.31
CA VAL C 90 -13.96 15.93 -6.94
C VAL C 90 -15.06 16.73 -6.24
N ILE C 91 -16.02 16.01 -5.68
CA ILE C 91 -17.18 16.60 -5.03
C ILE C 91 -17.22 16.14 -3.58
N ASP C 92 -17.41 17.07 -2.65
CA ASP C 92 -17.62 16.68 -1.24
C ASP C 92 -19.09 16.32 -1.00
N ALA C 93 -19.34 15.06 -0.64
CA ALA C 93 -20.72 14.55 -0.49
C ALA C 93 -21.48 15.35 0.54
N CYS C 94 -20.76 15.97 1.47
CA CYS C 94 -21.39 16.85 2.44
C CYS C 94 -21.95 18.15 1.85
N HIS C 95 -21.54 18.54 0.65
CA HIS C 95 -21.89 19.88 0.17
C HIS C 95 -22.23 19.82 -1.29
N LEU C 96 -23.19 18.95 -1.61
CA LEU C 96 -23.51 18.60 -3.00
C LEU C 96 -24.01 19.80 -3.79
N GLU C 97 -25.14 20.37 -3.43
CA GLU C 97 -25.70 21.50 -4.19
C GLU C 97 -24.63 22.52 -4.55
N ARG C 98 -24.01 23.08 -3.53
CA ARG C 98 -22.87 23.98 -3.65
C ARG C 98 -21.85 23.50 -4.68
N HIS C 99 -21.21 22.37 -4.42
CA HIS C 99 -20.11 21.91 -5.28
C HIS C 99 -20.49 21.61 -6.74
N LEU C 100 -21.77 21.36 -6.96
CA LEU C 100 -22.30 20.99 -8.23
C LEU C 100 -22.39 22.18 -9.17
N TYR C 101 -22.22 23.39 -8.66
CA TYR C 101 -22.22 24.56 -9.55
C TYR C 101 -21.05 24.46 -10.52
N LEU C 102 -19.87 24.22 -10.00
CA LEU C 102 -18.69 24.00 -10.81
C LEU C 102 -18.85 22.88 -11.85
N THR C 103 -19.29 21.72 -11.37
CA THR C 103 -19.55 20.57 -12.22
C THR C 103 -20.37 20.87 -13.47
N SER C 104 -21.41 21.71 -13.33
CA SER C 104 -22.23 22.08 -14.47
C SER C 104 -21.44 22.89 -15.47
N GLN C 105 -20.51 23.72 -14.96
CA GLN C 105 -19.57 24.52 -15.80
C GLN C 105 -18.49 23.66 -16.45
N LEU C 106 -17.94 22.71 -15.71
CA LEU C 106 -17.05 21.73 -16.34
C LEU C 106 -17.75 21.01 -17.52
N PHE C 107 -19.06 20.76 -17.40
CA PHE C 107 -19.76 20.05 -18.44
C PHE C 107 -19.76 20.79 -19.78
N GLU C 108 -19.47 22.08 -19.75
CA GLU C 108 -19.52 22.90 -20.93
C GLU C 108 -18.21 22.96 -21.71
N LEU C 109 -17.19 22.27 -21.20
CA LEU C 109 -15.86 22.26 -21.77
C LEU C 109 -15.70 21.29 -22.90
N GLY C 110 -16.80 20.61 -23.25
CA GLY C 110 -16.77 19.52 -24.21
C GLY C 110 -15.77 18.40 -23.95
N LYS C 111 -15.60 18.07 -22.69
CA LYS C 111 -14.59 17.15 -22.32
C LYS C 111 -15.19 16.10 -21.39
N PRO C 112 -14.71 14.83 -21.49
CA PRO C 112 -15.25 13.78 -20.62
C PRO C 112 -14.94 14.10 -19.17
N VAL C 113 -15.94 13.90 -18.30
CA VAL C 113 -15.78 14.13 -16.89
C VAL C 113 -16.23 12.90 -16.15
N VAL C 114 -15.49 12.53 -15.11
CA VAL C 114 -15.93 11.57 -14.12
C VAL C 114 -16.02 12.37 -12.81
N VAL C 115 -17.11 12.17 -12.04
CA VAL C 115 -17.26 12.84 -10.74
C VAL C 115 -16.86 11.90 -9.63
N ALA C 116 -15.84 12.27 -8.85
CA ALA C 116 -15.48 11.54 -7.65
C ALA C 116 -16.15 12.17 -6.40
N LEU C 117 -17.06 11.40 -5.81
CA LEU C 117 -17.94 11.89 -4.75
C LEU C 117 -17.33 11.49 -3.44
N ASN C 118 -16.59 12.40 -2.83
CA ASN C 118 -15.72 12.06 -1.72
C ASN C 118 -16.47 12.31 -0.45
N MET C 119 -15.94 11.83 0.66
CA MET C 119 -16.43 12.16 2.02
C MET C 119 -17.73 11.42 2.37
N MET C 120 -18.01 10.37 1.61
CA MET C 120 -19.18 9.52 1.88
C MET C 120 -19.29 9.16 3.37
N ASP C 121 -18.15 8.96 4.00
CA ASP C 121 -18.13 8.62 5.43
C ASP C 121 -18.69 9.77 6.28
N ILE C 122 -18.39 11.01 5.90
CA ILE C 122 -18.76 12.18 6.69
C ILE C 122 -20.18 12.56 6.40
N ALA C 123 -20.61 12.38 5.16
CA ALA C 123 -21.98 12.66 4.79
C ALA C 123 -22.86 11.75 5.63
N GLU C 124 -22.46 10.49 5.69
CA GLU C 124 -23.22 9.51 6.43
C GLU C 124 -23.32 9.88 7.93
N HIS C 125 -22.21 10.35 8.53
CA HIS C 125 -22.20 10.77 9.93
C HIS C 125 -23.10 11.97 10.21
N ARG C 126 -23.16 12.88 9.22
CA ARG C 126 -24.05 14.05 9.31
C ARG C 126 -25.49 13.74 8.87
N GLY C 127 -25.82 12.46 8.62
CA GLY C 127 -27.15 12.07 8.18
C GLY C 127 -27.53 12.47 6.76
N ILE C 128 -26.56 12.80 5.92
CA ILE C 128 -26.82 13.07 4.51
C ILE C 128 -26.81 11.73 3.77
N SER C 129 -27.92 11.46 3.06
CA SER C 129 -28.08 10.31 2.18
C SER C 129 -28.30 10.79 0.72
N ILE C 130 -27.56 10.23 -0.24
CA ILE C 130 -27.59 10.65 -1.64
C ILE C 130 -27.94 9.47 -2.54
N ASP C 131 -28.79 9.64 -3.55
CA ASP C 131 -29.06 8.56 -4.45
C ASP C 131 -28.03 8.60 -5.57
N THR C 132 -26.96 7.85 -5.36
CA THR C 132 -25.87 7.70 -6.34
C THR C 132 -26.29 7.26 -7.78
N GLU C 133 -26.92 6.10 -7.87
CA GLU C 133 -27.49 5.62 -9.11
C GLU C 133 -28.23 6.76 -9.84
N LYS C 134 -28.96 7.60 -9.10
CA LYS C 134 -29.81 8.66 -9.66
C LYS C 134 -29.04 9.92 -10.06
N LEU C 135 -28.08 10.32 -9.25
CA LEU C 135 -27.22 11.43 -9.63
C LEU C 135 -26.48 11.06 -10.93
N GLU C 136 -26.03 9.81 -11.03
CA GLU C 136 -25.35 9.36 -12.25
C GLU C 136 -26.27 9.67 -13.40
N SER C 137 -27.52 9.23 -13.29
CA SER C 137 -28.51 9.36 -14.35
C SER C 137 -28.87 10.79 -14.63
N LEU C 138 -28.89 11.64 -13.62
CA LEU C 138 -29.37 12.99 -13.86
C LEU C 138 -28.31 13.83 -14.49
N LEU C 139 -27.06 13.62 -14.08
CA LEU C 139 -25.93 14.40 -14.61
C LEU C 139 -25.49 13.93 -15.98
N GLY C 140 -25.82 12.72 -16.36
CA GLY C 140 -25.43 12.21 -17.68
C GLY C 140 -23.99 11.77 -17.72
N CYS C 141 -23.32 11.90 -16.59
CA CYS C 141 -21.95 11.46 -16.42
C CYS C 141 -21.88 10.49 -15.24
N SER C 142 -20.72 9.88 -15.09
CA SER C 142 -20.57 8.77 -14.20
C SER C 142 -20.14 9.29 -12.84
N VAL C 143 -20.76 8.74 -11.80
CA VAL C 143 -20.54 9.18 -10.42
C VAL C 143 -20.01 8.04 -9.54
N ILE C 144 -18.82 8.27 -8.98
CA ILE C 144 -18.09 7.26 -8.21
C ILE C 144 -17.92 7.75 -6.77
N PRO C 145 -18.65 7.11 -5.83
CA PRO C 145 -18.51 7.29 -4.39
C PRO C 145 -17.16 6.85 -3.85
N ILE C 146 -16.57 7.68 -3.02
CA ILE C 146 -15.27 7.37 -2.47
C ILE C 146 -15.06 7.97 -1.10
N GLN C 147 -14.10 7.39 -0.40
CA GLN C 147 -13.56 7.98 0.79
C GLN C 147 -12.07 8.03 0.60
N ALA C 148 -11.65 9.06 -0.10
CA ALA C 148 -10.31 9.16 -0.60
C ALA C 148 -9.29 8.96 0.50
N HIS C 149 -9.50 9.59 1.65
CA HIS C 149 -8.61 9.46 2.84
C HIS C 149 -8.46 8.04 3.42
N LYS C 150 -9.38 7.14 3.14
CA LYS C 150 -9.32 5.76 3.60
C LYS C 150 -9.09 4.81 2.43
N ASN C 151 -8.79 5.38 1.29
CA ASN C 151 -8.58 4.60 0.07
C ASN C 151 -9.82 3.85 -0.46
N ILE C 152 -11.02 4.17 0.01
CA ILE C 152 -12.19 3.39 -0.41
C ILE C 152 -12.78 3.90 -1.73
N GLY C 153 -12.86 3.02 -2.71
CA GLY C 153 -13.47 3.33 -3.99
C GLY C 153 -12.48 3.72 -5.09
N ILE C 154 -11.20 3.93 -4.73
CA ILE C 154 -10.16 4.26 -5.71
C ILE C 154 -10.12 3.20 -6.83
N PRO C 155 -10.21 1.94 -6.45
CA PRO C 155 -10.21 0.95 -7.53
C PRO C 155 -11.38 1.12 -8.50
N ALA C 156 -12.54 1.51 -7.98
CA ALA C 156 -13.71 1.81 -8.83
C ALA C 156 -13.51 3.11 -9.61
N LEU C 157 -12.93 4.12 -8.95
CA LEU C 157 -12.68 5.38 -9.61
C LEU C 157 -11.69 5.18 -10.77
N GLN C 158 -10.61 4.46 -10.48
CA GLN C 158 -9.59 4.18 -11.46
C GLN C 158 -10.21 3.52 -12.70
N GLN C 159 -11.09 2.55 -12.49
CA GLN C 159 -11.73 1.85 -13.60
C GLN C 159 -12.61 2.76 -14.44
N SER C 160 -13.32 3.65 -13.76
CA SER C 160 -14.20 4.60 -14.43
C SER C 160 -13.45 5.53 -15.36
N LEU C 161 -12.22 5.81 -14.98
CA LEU C 161 -11.33 6.69 -15.68
C LEU C 161 -10.93 6.10 -17.00
N LEU C 162 -10.80 4.78 -17.01
CA LEU C 162 -10.36 4.08 -18.19
C LEU C 162 -11.48 4.10 -19.25
N HIS C 163 -12.73 4.31 -18.84
CA HIS C 163 -13.85 4.41 -19.78
C HIS C 163 -14.45 5.82 -19.81
N CYS C 164 -13.72 6.78 -19.26
CA CYS C 164 -14.06 8.20 -19.32
C CYS C 164 -13.62 8.73 -20.67
N SER C 165 -14.43 8.46 -21.67
CA SER C 165 -14.07 8.69 -23.05
C SER C 165 -14.99 9.64 -23.82
N GLN C 166 -16.21 9.88 -23.34
CA GLN C 166 -17.14 10.73 -24.08
C GLN C 166 -17.53 11.99 -23.31
N LYS C 167 -17.65 13.09 -24.05
CA LYS C 167 -18.13 14.35 -23.49
C LYS C 167 -19.53 14.18 -22.90
N ILE C 168 -19.81 15.08 -21.99
CA ILE C 168 -21.01 15.03 -21.21
C ILE C 168 -21.86 16.18 -21.67
N LYS C 169 -23.07 15.86 -22.15
CA LYS C 169 -24.01 16.86 -22.60
C LYS C 169 -24.30 17.83 -21.44
N PRO C 170 -24.35 19.15 -21.70
CA PRO C 170 -24.61 20.04 -20.62
C PRO C 170 -25.97 19.82 -20.02
N LEU C 171 -26.08 20.20 -18.74
CA LEU C 171 -27.33 20.20 -18.05
C LEU C 171 -28.28 21.16 -18.76
N LYS C 172 -29.43 20.61 -19.16
CA LYS C 172 -30.52 21.34 -19.79
C LYS C 172 -30.99 22.37 -18.79
N LEU C 173 -30.73 23.65 -19.07
CA LEU C 173 -31.21 24.76 -18.25
C LEU C 173 -32.54 25.25 -18.80
N SER C 174 -33.32 25.98 -18.02
CA SER C 174 -34.55 26.61 -18.56
C SER C 174 -34.33 28.10 -18.63
N LEU C 175 -34.16 28.59 -19.86
CA LEU C 175 -33.83 29.98 -20.10
C LEU C 175 -34.88 30.65 -20.97
N SER C 176 -34.97 31.98 -20.94
CA SER C 176 -35.81 32.70 -21.91
C SER C 176 -35.24 32.58 -23.35
N VAL C 177 -36.09 32.76 -24.36
CA VAL C 177 -35.63 32.86 -25.76
C VAL C 177 -34.67 34.02 -25.96
N ALA C 178 -34.95 35.14 -25.27
CA ALA C 178 -34.06 36.31 -25.17
C ALA C 178 -32.64 35.88 -24.80
N ALA C 179 -32.54 35.17 -23.68
CA ALA C 179 -31.24 34.74 -23.14
C ALA C 179 -30.64 33.60 -23.95
N GLN C 180 -31.47 32.68 -24.42
CA GLN C 180 -30.98 31.59 -25.26
C GLN C 180 -30.46 32.17 -26.59
N GLN C 181 -31.13 33.18 -27.13
CA GLN C 181 -30.69 33.68 -28.42
C GLN C 181 -29.38 34.45 -28.30
N ILE C 182 -29.19 35.17 -27.20
CA ILE C 182 -27.90 35.81 -26.92
C ILE C 182 -26.80 34.71 -26.87
N LEU C 183 -27.04 33.65 -26.10
CA LEU C 183 -26.07 32.54 -26.04
C LEU C 183 -25.73 31.93 -27.41
N ASN C 184 -26.70 31.87 -28.32
CA ASN C 184 -26.44 31.34 -29.65
C ASN C 184 -25.67 32.32 -30.53
N ASP C 185 -25.97 33.61 -30.42
CA ASP C 185 -25.31 34.63 -31.23
C ASP C 185 -23.85 34.88 -30.80
N LEU C 186 -23.54 34.60 -29.55
CA LEU C 186 -22.23 34.85 -29.06
C LEU C 186 -21.35 33.65 -29.47
N GLU C 187 -21.96 32.48 -29.42
CA GLU C 187 -21.30 31.30 -29.85
C GLU C 187 -21.03 31.41 -31.34
N ASN C 188 -22.06 31.69 -32.11
CA ASN C 188 -21.89 31.79 -33.56
C ASN C 188 -20.87 32.87 -33.99
N GLN C 189 -20.84 34.00 -33.31
CA GLN C 189 -19.87 35.05 -33.65
C GLN C 189 -18.43 34.63 -33.30
N LEU C 190 -18.25 33.99 -32.15
CA LEU C 190 -16.94 33.48 -31.78
C LEU C 190 -16.49 32.37 -32.75
N ILE C 191 -17.37 31.42 -33.01
CA ILE C 191 -17.10 30.40 -34.01
C ILE C 191 -16.71 31.06 -35.31
N SER C 192 -17.48 32.07 -35.69
CA SER C 192 -17.24 32.74 -36.95
C SER C 192 -15.89 33.49 -36.98
N LYS C 193 -15.40 33.90 -35.83
CA LYS C 193 -14.15 34.64 -35.77
C LYS C 193 -12.95 33.73 -35.91
N GLY C 194 -13.16 32.44 -35.75
CA GLY C 194 -12.11 31.44 -35.86
C GLY C 194 -11.94 30.63 -34.60
N TYR C 195 -12.90 30.69 -33.69
CA TYR C 195 -12.70 30.01 -32.43
C TYR C 195 -12.97 28.54 -32.64
N LYS C 196 -12.24 27.69 -31.91
CA LYS C 196 -12.55 26.27 -31.88
C LYS C 196 -14.03 26.12 -31.47
N ASN C 197 -14.71 25.13 -32.03
CA ASN C 197 -16.13 24.92 -31.74
C ASN C 197 -16.52 24.81 -30.27
N SER C 198 -15.86 23.88 -29.58
CA SER C 198 -16.12 23.65 -28.16
C SER C 198 -15.79 24.88 -27.30
N PHE C 199 -14.75 25.61 -27.68
CA PHE C 199 -14.37 26.77 -26.90
C PHE C 199 -15.35 27.91 -27.16
N ALA C 200 -15.93 27.94 -28.35
CA ALA C 200 -16.97 28.93 -28.60
C ALA C 200 -18.15 28.71 -27.64
N TYR C 201 -18.53 27.45 -27.43
CA TYR C 201 -19.66 27.14 -26.58
C TYR C 201 -19.32 27.50 -25.16
N TYR C 202 -18.23 26.92 -24.67
CA TYR C 202 -17.75 27.20 -23.32
C TYR C 202 -17.56 28.69 -23.11
N PHE C 203 -16.80 29.38 -23.96
CA PHE C 203 -16.52 30.78 -23.67
C PHE C 203 -17.77 31.67 -23.73
N SER C 204 -18.79 31.30 -24.54
CA SER C 204 -19.99 32.12 -24.68
C SER C 204 -20.80 32.12 -23.40
N ARG C 205 -20.95 30.96 -22.78
CA ARG C 205 -21.59 30.91 -21.47
C ARG C 205 -20.81 31.72 -20.41
N ARG C 206 -19.51 31.54 -20.35
CA ARG C 206 -18.71 32.24 -19.33
C ARG C 206 -18.80 33.71 -19.55
N LEU C 207 -18.69 34.11 -20.81
CA LEU C 207 -18.82 35.52 -21.13
C LEU C 207 -20.15 36.05 -20.58
N ALA C 208 -21.25 35.41 -20.97
CA ALA C 208 -22.59 35.73 -20.46
C ALA C 208 -22.62 35.75 -18.94
N GLU C 209 -21.85 34.92 -18.28
CA GLU C 209 -21.72 35.06 -16.81
C GLU C 209 -20.82 36.24 -16.35
N GLY C 210 -20.42 37.09 -17.27
CA GLY C 210 -19.65 38.26 -16.91
C GLY C 210 -18.21 37.94 -16.61
N ASP C 211 -17.65 36.98 -17.35
CA ASP C 211 -16.27 36.62 -17.15
C ASP C 211 -15.41 37.52 -18.04
N THR C 212 -14.31 38.05 -17.49
CA THR C 212 -13.41 38.93 -18.25
C THR C 212 -12.45 38.16 -19.18
N GLN C 232 -33.50 43.09 -17.46
CA GLN C 232 -33.02 42.06 -16.53
C GLN C 232 -31.70 41.38 -17.04
N ASN C 233 -30.63 41.48 -16.26
CA ASN C 233 -29.27 41.17 -16.73
C ASN C 233 -28.96 39.69 -16.99
N LEU C 234 -28.19 39.47 -18.05
CA LEU C 234 -27.95 38.13 -18.55
C LEU C 234 -27.20 37.23 -17.53
N ASP C 235 -26.16 37.80 -16.90
CA ASP C 235 -25.38 37.08 -15.89
C ASP C 235 -26.28 36.50 -14.79
N VAL C 236 -27.35 37.23 -14.47
CA VAL C 236 -28.27 36.85 -13.40
C VAL C 236 -29.21 35.77 -13.88
N LEU C 237 -29.78 35.95 -15.07
CA LEU C 237 -30.70 34.96 -15.63
C LEU C 237 -29.97 33.62 -15.74
N LEU C 238 -28.73 33.65 -16.21
CA LEU C 238 -27.94 32.43 -16.31
C LEU C 238 -27.72 31.74 -14.96
N ALA C 239 -27.26 32.51 -13.97
CA ALA C 239 -27.10 31.99 -12.63
C ALA C 239 -28.39 31.28 -12.21
N ASP C 240 -29.47 32.04 -12.08
CA ASP C 240 -30.75 31.48 -11.64
C ASP C 240 -31.07 30.12 -12.27
N ALA C 241 -31.04 30.06 -13.60
CA ALA C 241 -31.37 28.85 -14.34
C ALA C 241 -30.49 27.68 -13.93
N ARG C 242 -29.21 27.98 -13.68
CA ARG C 242 -28.25 26.97 -13.22
C ARG C 242 -28.57 26.52 -11.79
N TYR C 243 -28.89 27.44 -10.89
CA TYR C 243 -29.29 27.04 -9.57
C TYR C 243 -30.60 26.25 -9.59
N GLN C 244 -31.56 26.67 -10.39
CA GLN C 244 -32.82 25.93 -10.50
C GLN C 244 -32.55 24.46 -10.83
N LYS C 245 -31.69 24.22 -11.82
CA LYS C 245 -31.44 22.86 -12.30
C LYS C 245 -30.60 22.03 -11.32
N ILE C 246 -29.57 22.63 -10.74
CA ILE C 246 -28.81 21.91 -9.75
C ILE C 246 -29.77 21.57 -8.60
N HIS C 247 -30.59 22.55 -8.18
CA HIS C 247 -31.42 22.39 -7.01
C HIS C 247 -32.52 21.36 -7.25
N GLU C 248 -33.08 21.30 -8.44
CA GLU C 248 -34.02 20.24 -8.80
C GLU C 248 -33.26 18.90 -8.79
N ILE C 249 -32.00 18.88 -9.19
CA ILE C 249 -31.23 17.63 -9.10
C ILE C 249 -31.00 17.25 -7.63
N VAL C 250 -30.61 18.22 -6.81
CA VAL C 250 -30.28 17.92 -5.44
C VAL C 250 -31.55 17.48 -4.68
N THR C 251 -32.67 18.16 -4.92
CA THR C 251 -33.94 17.81 -4.27
C THR C 251 -34.35 16.36 -4.63
N LEU C 252 -33.96 15.92 -5.82
CA LEU C 252 -34.30 14.60 -6.33
C LEU C 252 -33.46 13.46 -5.81
N VAL C 253 -32.39 13.77 -5.11
CA VAL C 253 -31.28 12.82 -4.90
C VAL C 253 -30.86 12.69 -3.43
N GLN C 254 -31.15 13.73 -2.67
CA GLN C 254 -30.63 13.87 -1.33
C GLN C 254 -31.73 14.07 -0.30
N LYS C 255 -31.81 13.17 0.68
CA LYS C 255 -32.46 13.48 1.95
C LYS C 255 -31.33 13.89 2.93
N LYS C 256 -31.62 14.86 3.81
CA LYS C 256 -30.57 15.50 4.62
C LYS C 256 -30.89 15.53 6.11
N THR D 2 12.29 1.44 -19.05
CA THR D 2 13.47 0.55 -19.10
C THR D 2 12.92 -0.82 -18.74
N HIS D 3 13.53 -1.92 -19.20
CA HIS D 3 12.90 -3.27 -19.11
C HIS D 3 13.80 -4.21 -18.32
N ALA D 4 13.25 -4.79 -17.28
CA ALA D 4 14.00 -5.60 -16.32
C ALA D 4 13.44 -7.00 -16.30
N LEU D 5 14.32 -7.97 -16.24
CA LEU D 5 13.93 -9.36 -16.12
C LEU D 5 14.09 -9.78 -14.68
N LEU D 6 13.11 -10.51 -14.15
CA LEU D 6 13.16 -10.98 -12.79
C LEU D 6 13.59 -12.41 -12.82
N ILE D 7 14.84 -12.68 -12.45
CA ILE D 7 15.34 -14.06 -12.49
C ILE D 7 15.76 -14.60 -11.13
N GLY D 8 15.41 -15.87 -10.89
CA GLY D 8 15.93 -16.55 -9.72
C GLY D 8 15.71 -18.04 -9.70
N ASN D 9 16.16 -18.69 -8.62
CA ASN D 9 15.82 -20.07 -8.39
C ASN D 9 14.31 -20.20 -8.14
N PRO D 10 13.79 -21.43 -8.08
CA PRO D 10 12.37 -21.50 -7.60
C PRO D 10 12.36 -21.21 -6.11
N ASN D 11 11.21 -20.87 -5.57
CA ASN D 11 11.10 -20.71 -4.09
C ASN D 11 12.22 -19.86 -3.46
N CYS D 12 12.41 -18.66 -4.03
CA CYS D 12 13.20 -17.59 -3.39
C CYS D 12 12.39 -16.29 -3.17
N GLY D 13 11.05 -16.43 -3.13
CA GLY D 13 10.13 -15.35 -3.01
C GLY D 13 10.05 -14.54 -4.28
N LYS D 14 10.33 -15.15 -5.41
CA LYS D 14 10.42 -14.40 -6.64
C LYS D 14 9.10 -13.73 -6.92
N THR D 15 8.00 -14.46 -6.77
CA THR D 15 6.65 -13.91 -7.02
C THR D 15 6.23 -12.92 -5.98
N THR D 16 6.74 -13.10 -4.78
CA THR D 16 6.47 -12.14 -3.71
C THR D 16 7.06 -10.79 -4.18
N LEU D 17 8.29 -10.85 -4.64
CA LEU D 17 8.96 -9.61 -5.08
C LEU D 17 8.28 -8.98 -6.30
N PHE D 18 7.92 -9.79 -7.28
CA PHE D 18 7.19 -9.30 -8.40
C PHE D 18 5.98 -8.52 -7.88
N ASN D 19 5.24 -9.14 -6.96
CA ASN D 19 4.00 -8.54 -6.48
C ASN D 19 4.27 -7.22 -5.78
N ALA D 20 5.33 -7.14 -5.00
CA ALA D 20 5.65 -5.94 -4.24
C ALA D 20 6.08 -4.86 -5.17
N LEU D 21 6.66 -5.24 -6.29
CA LEU D 21 7.16 -4.26 -7.24
C LEU D 21 6.03 -3.69 -8.08
N THR D 22 5.13 -4.57 -8.52
CA THR D 22 4.12 -4.21 -9.55
C THR D 22 2.72 -4.07 -9.04
N ASN D 23 2.46 -4.53 -7.83
CA ASN D 23 1.13 -4.50 -7.23
C ASN D 23 0.08 -5.06 -8.16
N ALA D 24 -0.96 -4.27 -8.44
CA ALA D 24 -2.08 -4.75 -9.27
C ALA D 24 -1.78 -4.49 -10.72
N ASN D 25 -0.62 -3.91 -11.01
CA ASN D 25 -0.25 -3.59 -12.41
C ASN D 25 0.54 -4.71 -13.05
N GLN D 26 -0.22 -5.77 -13.34
CA GLN D 26 0.35 -6.99 -13.88
C GLN D 26 -0.69 -7.81 -14.51
N ARG D 27 -0.25 -8.63 -15.44
CA ARG D 27 -1.16 -9.51 -16.13
C ARG D 27 -0.52 -10.85 -16.32
N VAL D 28 -1.30 -11.79 -16.80
CA VAL D 28 -0.79 -13.11 -17.08
C VAL D 28 -1.13 -13.43 -18.54
N GLY D 29 -0.19 -14.01 -19.27
CA GLY D 29 -0.50 -14.54 -20.60
C GLY D 29 0.24 -15.85 -20.83
N ASN D 30 0.59 -16.15 -22.09
CA ASN D 30 1.33 -17.36 -22.35
C ASN D 30 2.71 -17.00 -22.88
N TRP D 31 3.73 -17.73 -22.47
CA TRP D 31 4.97 -17.56 -23.16
C TRP D 31 4.73 -17.97 -24.61
N PRO D 32 5.26 -17.19 -25.57
CA PRO D 32 4.98 -17.35 -27.00
C PRO D 32 4.93 -18.78 -27.48
N GLY D 33 3.75 -19.21 -27.90
CA GLY D 33 3.59 -20.48 -28.58
C GLY D 33 3.87 -21.67 -27.70
N VAL D 34 3.90 -21.47 -26.40
CA VAL D 34 3.99 -22.59 -25.49
C VAL D 34 2.82 -22.55 -24.50
N THR D 35 2.82 -23.43 -23.53
CA THR D 35 1.66 -23.59 -22.64
C THR D 35 1.85 -22.94 -21.30
N VAL D 36 3.04 -22.39 -21.10
CA VAL D 36 3.50 -21.90 -19.83
C VAL D 36 3.13 -20.41 -19.69
N GLU D 37 2.62 -20.05 -18.52
CA GLU D 37 2.02 -18.76 -18.29
C GLU D 37 3.08 -17.68 -18.07
N LYS D 38 2.96 -16.57 -18.78
CA LYS D 38 3.90 -15.44 -18.67
C LYS D 38 3.36 -14.32 -17.78
N LYS D 39 4.09 -13.99 -16.72
CA LYS D 39 3.79 -12.88 -15.81
C LYS D 39 4.60 -11.63 -16.22
N THR D 40 3.87 -10.58 -16.60
CA THR D 40 4.49 -9.28 -16.77
C THR D 40 3.76 -8.23 -15.97
N GLY D 41 4.51 -7.19 -15.62
CA GLY D 41 3.95 -6.00 -15.00
C GLY D 41 4.79 -4.74 -15.17
N GLU D 42 4.31 -3.64 -14.60
CA GLU D 42 5.08 -2.42 -14.62
C GLU D 42 4.89 -1.58 -13.36
N PHE D 43 5.83 -0.66 -13.13
CA PHE D 43 5.72 0.33 -12.09
C PHE D 43 6.41 1.69 -12.47
N LEU D 44 5.92 2.77 -11.87
CA LEU D 44 6.43 4.07 -12.12
C LEU D 44 7.41 4.44 -11.02
N LEU D 45 8.58 4.92 -11.40
CA LEU D 45 9.60 5.38 -10.47
C LEU D 45 9.84 6.83 -10.74
N GLY D 46 9.05 7.66 -10.09
CA GLY D 46 9.00 9.07 -10.43
C GLY D 46 8.34 9.20 -11.79
N GLU D 47 9.15 9.56 -12.79
CA GLU D 47 8.68 9.72 -14.16
C GLU D 47 9.26 8.63 -15.05
N HIS D 48 9.79 7.58 -14.43
CA HIS D 48 10.44 6.46 -15.13
C HIS D 48 9.55 5.20 -15.14
N LEU D 49 9.24 4.67 -16.32
CA LEU D 49 8.47 3.43 -16.45
C LEU D 49 9.43 2.28 -16.25
N ILE D 50 9.05 1.31 -15.44
CA ILE D 50 9.84 0.13 -15.35
C ILE D 50 9.00 -1.10 -15.67
N GLU D 51 9.34 -1.77 -16.77
CA GLU D 51 8.56 -2.90 -17.20
C GLU D 51 9.28 -4.10 -16.64
N ILE D 52 8.55 -5.05 -16.09
CA ILE D 52 9.22 -6.21 -15.59
C ILE D 52 8.58 -7.49 -16.11
N THR D 53 9.43 -8.36 -16.60
CA THR D 53 9.00 -9.66 -17.01
C THR D 53 9.64 -10.64 -16.03
N ASP D 54 8.79 -11.49 -15.47
CA ASP D 54 9.19 -12.51 -14.55
C ASP D 54 9.61 -13.75 -15.28
N LEU D 55 10.73 -14.34 -14.87
CA LEU D 55 11.24 -15.57 -15.51
C LEU D 55 11.10 -16.76 -14.58
N PRO D 56 10.64 -17.88 -15.11
CA PRO D 56 10.44 -19.05 -14.26
C PRO D 56 11.73 -19.45 -13.65
N GLY D 57 11.73 -19.74 -12.35
CA GLY D 57 12.92 -20.04 -11.62
C GLY D 57 13.72 -21.23 -12.13
N VAL D 58 15.02 -21.16 -11.94
CA VAL D 58 15.87 -22.24 -12.34
C VAL D 58 17.08 -22.14 -11.46
N TYR D 59 17.63 -23.32 -11.18
CA TYR D 59 18.92 -23.47 -10.57
C TYR D 59 20.06 -23.05 -11.51
N SER D 60 19.94 -23.42 -12.78
CA SER D 60 21.00 -23.28 -13.82
C SER D 60 20.40 -23.08 -15.22
N LEU D 61 21.09 -22.28 -16.04
CA LEU D 61 20.67 -22.00 -17.43
C LEU D 61 21.03 -23.14 -18.41
N VAL D 62 21.74 -24.12 -17.88
CA VAL D 62 22.19 -25.27 -18.67
C VAL D 62 21.13 -26.35 -18.71
N ALA D 63 20.71 -26.71 -19.92
CA ALA D 63 19.74 -27.78 -20.13
C ALA D 63 20.47 -28.99 -20.67
N ASN D 64 20.84 -29.89 -19.77
CA ASN D 64 21.35 -31.21 -20.19
C ASN D 64 20.26 -32.32 -20.18
N SER D 69 11.69 -29.91 -18.94
CA SER D 69 10.67 -28.98 -18.44
C SER D 69 10.94 -27.58 -18.95
N GLN D 70 10.10 -27.14 -19.88
CA GLN D 70 9.99 -25.74 -20.31
C GLN D 70 10.60 -24.73 -19.34
N ASP D 71 10.04 -24.62 -18.13
CA ASP D 71 10.54 -23.64 -17.11
C ASP D 71 12.07 -23.44 -17.16
N GLU D 72 12.81 -24.56 -17.25
CA GLU D 72 14.27 -24.44 -17.41
C GLU D 72 14.58 -23.74 -18.73
N GLN D 73 13.92 -24.25 -19.78
CA GLN D 73 14.07 -23.72 -21.13
C GLN D 73 13.64 -22.27 -21.27
N ILE D 74 12.48 -21.90 -20.71
CA ILE D 74 11.96 -20.53 -20.91
C ILE D 74 12.95 -19.47 -20.40
N ALA D 75 13.50 -19.70 -19.22
CA ALA D 75 14.48 -18.79 -18.72
C ALA D 75 15.74 -18.81 -19.57
N ALA D 76 16.14 -20.00 -20.00
CA ALA D 76 17.34 -20.13 -20.77
C ALA D 76 17.17 -19.41 -22.11
N GLN D 77 16.00 -19.56 -22.73
CA GLN D 77 15.73 -18.99 -24.03
C GLN D 77 15.62 -17.49 -23.95
N SER D 78 14.93 -17.02 -22.91
CA SER D 78 14.61 -15.59 -22.74
C SER D 78 15.81 -14.67 -22.53
N VAL D 79 16.78 -15.08 -21.71
CA VAL D 79 18.00 -14.29 -21.53
C VAL D 79 18.71 -14.00 -22.90
N ILE D 80 18.38 -14.79 -23.93
CA ILE D 80 18.95 -14.67 -25.25
C ILE D 80 17.98 -13.88 -26.12
N ASP D 81 16.74 -14.34 -26.16
CA ASP D 81 15.70 -13.92 -27.10
C ASP D 81 15.07 -12.54 -26.87
N LEU D 82 14.82 -12.19 -25.61
CA LEU D 82 14.06 -10.98 -25.29
C LEU D 82 14.98 -9.77 -25.33
N GLU D 83 14.37 -8.62 -25.53
CA GLU D 83 15.08 -7.37 -25.48
C GLU D 83 14.87 -6.83 -24.10
N TYR D 84 15.94 -6.55 -23.38
CA TYR D 84 15.86 -6.08 -21.99
C TYR D 84 17.10 -5.26 -21.58
N ASP D 85 16.91 -4.31 -20.66
CA ASP D 85 17.97 -3.40 -20.23
C ASP D 85 18.75 -3.86 -19.00
N CYS D 86 18.10 -4.60 -18.11
CA CYS D 86 18.81 -5.17 -16.99
C CYS D 86 18.07 -6.31 -16.31
N ILE D 87 18.74 -6.95 -15.37
CA ILE D 87 18.23 -8.11 -14.66
C ILE D 87 18.17 -7.85 -13.15
N ILE D 88 17.03 -8.17 -12.54
CA ILE D 88 16.97 -8.23 -11.08
C ILE D 88 17.08 -9.69 -10.68
N ASN D 89 18.21 -10.06 -10.11
CA ASN D 89 18.42 -11.40 -9.66
C ASN D 89 18.08 -11.51 -8.17
N VAL D 90 16.99 -12.20 -7.89
CA VAL D 90 16.51 -12.44 -6.54
C VAL D 90 17.16 -13.68 -5.95
N ILE D 91 17.94 -13.49 -4.88
CA ILE D 91 18.57 -14.58 -4.11
C ILE D 91 17.82 -14.82 -2.80
N ASP D 92 17.71 -16.05 -2.32
CA ASP D 92 17.15 -16.36 -0.98
C ASP D 92 18.33 -16.50 -0.03
N ALA D 93 18.44 -15.60 0.94
CA ALA D 93 19.55 -15.61 1.90
C ALA D 93 19.75 -16.93 2.66
N CYS D 94 18.73 -17.79 2.65
CA CYS D 94 18.84 -19.10 3.27
C CYS D 94 19.55 -20.15 2.45
N HIS D 95 19.81 -19.83 1.19
CA HIS D 95 20.49 -20.72 0.32
C HIS D 95 21.33 -19.94 -0.65
N LEU D 96 22.20 -19.13 -0.07
CA LEU D 96 23.08 -18.31 -0.83
C LEU D 96 23.95 -19.10 -1.84
N GLU D 97 24.65 -20.11 -1.34
CA GLU D 97 25.62 -20.81 -2.15
C GLU D 97 24.94 -21.44 -3.32
N ARG D 98 23.78 -22.06 -3.07
CA ARG D 98 23.00 -22.68 -4.16
C ARG D 98 22.51 -21.64 -5.16
N HIS D 99 21.92 -20.56 -4.66
CA HIS D 99 21.32 -19.60 -5.56
C HIS D 99 22.39 -18.83 -6.34
N LEU D 100 23.62 -18.79 -5.83
CA LEU D 100 24.67 -18.01 -6.49
C LEU D 100 25.16 -18.66 -7.80
N TYR D 101 24.83 -19.93 -7.98
CA TYR D 101 25.26 -20.60 -9.19
C TYR D 101 24.68 -19.87 -10.41
N LEU D 102 23.39 -19.56 -10.36
CA LEU D 102 22.67 -18.80 -11.38
C LEU D 102 23.09 -17.31 -11.58
N THR D 103 23.25 -16.59 -10.48
CA THR D 103 23.76 -15.26 -10.51
C THR D 103 25.02 -15.28 -11.35
N SER D 104 25.90 -16.17 -10.93
CA SER D 104 27.19 -16.46 -11.57
C SER D 104 27.07 -16.37 -13.07
N GLN D 105 26.13 -17.14 -13.61
CA GLN D 105 25.96 -17.33 -15.03
C GLN D 105 25.36 -16.12 -15.68
N LEU D 106 24.52 -15.37 -14.95
CA LEU D 106 23.80 -14.15 -15.44
C LEU D 106 24.76 -13.02 -15.72
N PHE D 107 25.78 -12.93 -14.87
CA PHE D 107 26.89 -12.02 -15.09
C PHE D 107 27.59 -12.27 -16.38
N GLU D 108 27.43 -13.43 -16.97
CA GLU D 108 28.12 -13.68 -18.21
C GLU D 108 27.29 -13.25 -19.43
N LEU D 109 26.11 -12.67 -19.22
CA LEU D 109 25.28 -12.16 -20.34
C LEU D 109 25.74 -10.79 -20.74
N GLY D 110 26.51 -10.14 -19.87
CA GLY D 110 27.08 -8.83 -20.16
C GLY D 110 26.05 -7.73 -20.05
N LYS D 111 24.98 -8.00 -19.32
CA LYS D 111 23.96 -7.04 -19.03
C LYS D 111 24.09 -6.58 -17.59
N PRO D 112 23.59 -5.35 -17.29
CA PRO D 112 23.49 -4.93 -15.90
C PRO D 112 22.67 -5.89 -15.05
N VAL D 113 23.20 -6.22 -13.87
CA VAL D 113 22.56 -7.14 -12.94
C VAL D 113 22.58 -6.55 -11.54
N VAL D 114 21.43 -6.58 -10.86
CA VAL D 114 21.37 -6.21 -9.45
C VAL D 114 20.70 -7.31 -8.69
N VAL D 115 21.34 -7.73 -7.59
CA VAL D 115 20.90 -8.81 -6.77
C VAL D 115 20.00 -8.29 -5.67
N ALA D 116 18.82 -8.90 -5.56
CA ALA D 116 17.89 -8.65 -4.47
C ALA D 116 18.06 -9.83 -3.55
N LEU D 117 18.71 -9.58 -2.41
CA LEU D 117 18.94 -10.62 -1.38
C LEU D 117 17.72 -10.69 -0.43
N ASN D 118 16.92 -11.73 -0.59
CA ASN D 118 15.57 -11.79 0.00
C ASN D 118 15.54 -12.70 1.20
N MET D 119 14.46 -12.62 1.98
CA MET D 119 14.29 -13.43 3.17
C MET D 119 15.40 -13.19 4.19
N MET D 120 15.74 -11.95 4.42
CA MET D 120 16.71 -11.67 5.48
C MET D 120 16.16 -12.06 6.88
N ASP D 121 14.84 -12.13 7.00
CA ASP D 121 14.25 -12.45 8.29
C ASP D 121 14.46 -13.94 8.59
N ILE D 122 14.00 -14.82 7.70
CA ILE D 122 14.26 -16.28 7.86
C ILE D 122 15.78 -16.55 7.97
N ALA D 123 16.59 -15.73 7.32
CA ALA D 123 18.05 -15.79 7.43
C ALA D 123 18.50 -15.66 8.88
N GLU D 124 18.10 -14.54 9.50
CA GLU D 124 18.51 -14.23 10.85
C GLU D 124 17.85 -15.18 11.85
N HIS D 125 16.62 -15.60 11.57
CA HIS D 125 15.94 -16.59 12.39
C HIS D 125 16.76 -17.88 12.46
N ARG D 126 17.43 -18.23 11.35
CA ARG D 126 18.18 -19.49 11.26
C ARG D 126 19.65 -19.34 11.69
N GLY D 127 20.02 -18.14 12.15
CA GLY D 127 21.41 -17.91 12.61
C GLY D 127 22.38 -17.71 11.47
N ILE D 128 21.86 -17.33 10.30
CA ILE D 128 22.70 -17.02 9.15
C ILE D 128 22.92 -15.53 9.15
N SER D 129 24.18 -15.11 9.27
CA SER D 129 24.49 -13.71 9.01
C SER D 129 25.31 -13.64 7.73
N ILE D 130 24.95 -12.72 6.85
CA ILE D 130 25.68 -12.52 5.62
C ILE D 130 26.30 -11.14 5.72
N ASP D 131 27.53 -11.02 5.22
CA ASP D 131 28.22 -9.76 5.17
C ASP D 131 27.92 -9.27 3.78
N THR D 132 26.82 -8.54 3.69
CA THR D 132 26.31 -7.94 2.47
C THR D 132 27.27 -7.06 1.71
N GLU D 133 28.03 -6.22 2.43
CA GLU D 133 28.94 -5.26 1.79
C GLU D 133 30.11 -6.03 1.18
N LYS D 134 30.66 -6.99 1.92
CA LYS D 134 31.65 -7.92 1.36
C LYS D 134 31.15 -8.62 0.08
N LEU D 135 29.90 -9.06 0.07
CA LEU D 135 29.31 -9.69 -1.13
C LEU D 135 29.26 -8.79 -2.37
N GLU D 136 28.89 -7.52 -2.19
CA GLU D 136 28.93 -6.47 -3.22
C GLU D 136 30.30 -6.42 -3.89
N SER D 137 31.35 -6.19 -3.11
CA SER D 137 32.69 -6.10 -3.71
C SER D 137 33.14 -7.39 -4.37
N LEU D 138 32.82 -8.51 -3.74
CA LEU D 138 33.18 -9.81 -4.29
C LEU D 138 32.40 -10.15 -5.59
N LEU D 139 31.09 -9.93 -5.59
CA LEU D 139 30.30 -10.18 -6.82
C LEU D 139 30.48 -9.12 -7.87
N GLY D 140 30.90 -7.91 -7.47
CA GLY D 140 30.98 -6.78 -8.38
C GLY D 140 29.64 -6.26 -8.87
N CYS D 141 28.60 -6.39 -8.06
CA CYS D 141 27.32 -5.72 -8.31
C CYS D 141 26.59 -5.38 -7.03
N SER D 142 25.54 -4.56 -7.18
CA SER D 142 24.72 -4.16 -6.05
C SER D 142 23.99 -5.35 -5.51
N VAL D 143 24.03 -5.46 -4.19
CA VAL D 143 23.34 -6.48 -3.45
C VAL D 143 22.51 -5.69 -2.45
N ILE D 144 21.18 -5.83 -2.61
CA ILE D 144 20.18 -5.11 -1.84
C ILE D 144 19.42 -6.11 -0.99
N PRO D 145 19.68 -6.06 0.31
CA PRO D 145 18.98 -6.88 1.29
C PRO D 145 17.51 -6.48 1.38
N ILE D 146 16.59 -7.45 1.26
CA ILE D 146 15.14 -7.16 1.28
C ILE D 146 14.32 -8.19 2.05
N GLN D 147 13.09 -7.83 2.40
CA GLN D 147 12.06 -8.80 2.85
C GLN D 147 10.80 -8.42 2.11
N ALA D 148 10.68 -8.96 0.90
CA ALA D 148 9.65 -8.64 -0.05
C ALA D 148 8.30 -8.80 0.58
N HIS D 149 8.10 -9.91 1.25
CA HIS D 149 6.81 -10.24 1.89
C HIS D 149 6.33 -9.18 2.85
N LYS D 150 7.25 -8.39 3.38
CA LYS D 150 6.93 -7.34 4.31
C LYS D 150 7.25 -5.98 3.76
N ASN D 151 7.66 -5.93 2.49
CA ASN D 151 7.98 -4.68 1.80
C ASN D 151 9.26 -3.96 2.28
N ILE D 152 10.03 -4.59 3.16
CA ILE D 152 11.22 -4.00 3.69
C ILE D 152 12.26 -3.98 2.60
N GLY D 153 12.77 -2.81 2.28
CA GLY D 153 13.89 -2.74 1.36
C GLY D 153 13.53 -2.57 -0.11
N ILE D 154 12.23 -2.51 -0.41
CA ILE D 154 11.77 -2.22 -1.79
C ILE D 154 12.11 -0.82 -2.30
N PRO D 155 11.96 0.23 -1.50
CA PRO D 155 12.32 1.51 -2.13
C PRO D 155 13.78 1.54 -2.54
N ALA D 156 14.67 1.01 -1.71
CA ALA D 156 16.10 1.02 -2.00
C ALA D 156 16.47 0.28 -3.30
N LEU D 157 15.82 -0.86 -3.53
CA LEU D 157 16.05 -1.71 -4.72
C LEU D 157 15.52 -0.98 -5.94
N GLN D 158 14.38 -0.33 -5.76
CA GLN D 158 13.81 0.46 -6.81
C GLN D 158 14.82 1.53 -7.19
N GLN D 159 15.44 2.18 -6.19
CA GLN D 159 16.44 3.24 -6.47
C GLN D 159 17.69 2.70 -7.17
N SER D 160 18.04 1.48 -6.82
CA SER D 160 19.19 0.86 -7.39
C SER D 160 18.97 0.52 -8.86
N LEU D 161 17.75 0.10 -9.20
CA LEU D 161 17.32 -0.07 -10.60
C LEU D 161 17.54 1.14 -11.47
N LEU D 162 17.21 2.32 -10.98
CA LEU D 162 17.49 3.55 -11.72
C LEU D 162 18.98 3.75 -12.07
N HIS D 163 19.88 3.06 -11.39
CA HIS D 163 21.32 3.07 -11.71
C HIS D 163 21.84 1.74 -12.29
N CYS D 164 20.93 0.83 -12.66
CA CYS D 164 21.31 -0.50 -13.17
C CYS D 164 21.90 -0.28 -14.55
N SER D 165 23.16 0.16 -14.53
CA SER D 165 23.78 0.78 -15.68
C SER D 165 24.92 -0.09 -16.23
N GLN D 166 25.89 -0.42 -15.38
CA GLN D 166 27.13 -1.06 -15.82
C GLN D 166 26.98 -2.60 -15.82
N LYS D 167 27.69 -3.27 -16.73
CA LYS D 167 27.76 -4.73 -16.78
C LYS D 167 28.67 -5.25 -15.70
N ILE D 168 28.50 -6.52 -15.39
CA ILE D 168 29.26 -7.18 -14.34
C ILE D 168 30.35 -8.06 -14.92
N LYS D 169 31.61 -7.86 -14.49
CA LYS D 169 32.67 -8.78 -14.89
C LYS D 169 32.22 -10.17 -14.48
N PRO D 170 32.32 -11.14 -15.40
CA PRO D 170 32.13 -12.52 -14.97
C PRO D 170 33.11 -12.85 -13.86
N LEU D 171 32.70 -13.72 -12.95
CA LEU D 171 33.56 -14.18 -11.88
C LEU D 171 34.77 -14.92 -12.45
N LYS D 172 35.94 -14.71 -11.85
CA LYS D 172 37.18 -15.36 -12.32
C LYS D 172 37.18 -16.80 -11.83
N LEU D 173 36.86 -17.73 -12.73
CA LEU D 173 37.05 -19.15 -12.46
C LEU D 173 38.50 -19.60 -12.69
N SER D 174 38.90 -20.63 -11.97
CA SER D 174 40.21 -21.21 -12.16
C SER D 174 40.00 -22.58 -12.82
N LEU D 175 40.40 -22.66 -14.09
CA LEU D 175 40.35 -23.89 -14.85
C LEU D 175 41.75 -24.32 -15.22
N SER D 176 41.85 -25.54 -15.72
CA SER D 176 43.12 -26.05 -16.20
C SER D 176 43.42 -25.38 -17.51
N VAL D 177 44.68 -25.47 -17.85
CA VAL D 177 45.24 -24.86 -19.00
C VAL D 177 44.56 -25.43 -20.22
N ALA D 178 44.56 -26.75 -20.33
CA ALA D 178 43.83 -27.41 -21.38
C ALA D 178 42.36 -26.93 -21.54
N ALA D 179 41.63 -26.78 -20.43
CA ALA D 179 40.20 -26.37 -20.48
C ALA D 179 39.99 -24.88 -20.73
N GLN D 180 40.89 -24.04 -20.22
CA GLN D 180 40.87 -22.63 -20.63
C GLN D 180 41.06 -22.49 -22.14
N GLN D 181 42.08 -23.17 -22.67
CA GLN D 181 42.32 -23.13 -24.10
C GLN D 181 41.10 -23.51 -24.92
N ILE D 182 40.41 -24.61 -24.55
CA ILE D 182 39.17 -25.00 -25.29
C ILE D 182 38.10 -23.90 -25.26
N LEU D 183 37.94 -23.26 -24.10
CA LEU D 183 36.98 -22.16 -23.93
C LEU D 183 37.34 -21.00 -24.82
N ASN D 184 38.60 -20.59 -24.78
CA ASN D 184 39.09 -19.44 -25.54
C ASN D 184 38.97 -19.66 -27.04
N ASP D 185 39.36 -20.85 -27.48
CA ASP D 185 39.23 -21.19 -28.89
C ASP D 185 37.78 -21.09 -29.35
N LEU D 186 36.85 -21.60 -28.53
CA LEU D 186 35.42 -21.53 -28.83
C LEU D 186 34.88 -20.11 -28.71
N GLU D 187 35.32 -19.38 -27.71
CA GLU D 187 34.94 -18.00 -27.62
C GLU D 187 35.29 -17.36 -28.94
N ASN D 188 36.56 -17.48 -29.34
CA ASN D 188 37.06 -16.75 -30.50
C ASN D 188 36.50 -17.18 -31.86
N GLN D 189 36.22 -18.47 -32.07
CA GLN D 189 35.62 -18.90 -33.33
C GLN D 189 34.12 -18.39 -33.50
N LEU D 190 33.41 -18.28 -32.37
CA LEU D 190 32.12 -17.62 -32.32
C LEU D 190 32.20 -16.13 -32.73
N ILE D 191 33.12 -15.38 -32.12
CA ILE D 191 33.40 -13.98 -32.50
C ILE D 191 33.67 -13.89 -34.00
N SER D 192 34.49 -14.80 -34.50
CA SER D 192 34.80 -14.76 -35.90
C SER D 192 33.59 -15.06 -36.80
N LYS D 193 32.62 -15.81 -36.26
CA LYS D 193 31.38 -16.08 -36.99
C LYS D 193 30.41 -14.88 -37.01
N GLY D 194 30.65 -13.86 -36.18
CA GLY D 194 29.82 -12.67 -36.11
C GLY D 194 29.03 -12.54 -34.82
N TYR D 195 29.28 -13.39 -33.83
CA TYR D 195 28.56 -13.24 -32.57
C TYR D 195 29.12 -11.97 -31.89
N LYS D 196 28.28 -11.18 -31.20
CA LYS D 196 28.80 -10.04 -30.42
C LYS D 196 29.73 -10.62 -29.36
N ASN D 197 30.63 -9.80 -28.84
CA ASN D 197 31.53 -10.22 -27.76
C ASN D 197 30.79 -10.75 -26.56
N SER D 198 29.83 -9.99 -26.07
CA SER D 198 29.13 -10.37 -24.87
C SER D 198 28.54 -11.78 -25.01
N PHE D 199 27.90 -12.08 -26.12
CA PHE D 199 27.21 -13.37 -26.26
C PHE D 199 28.14 -14.53 -26.57
N ALA D 200 29.15 -14.29 -27.40
CA ALA D 200 30.17 -15.30 -27.61
C ALA D 200 30.71 -15.86 -26.26
N TYR D 201 31.07 -14.95 -25.35
CA TYR D 201 31.52 -15.34 -24.02
C TYR D 201 30.45 -16.21 -23.38
N TYR D 202 29.26 -15.66 -23.24
CA TYR D 202 28.14 -16.37 -22.63
C TYR D 202 27.85 -17.72 -23.29
N PHE D 203 27.71 -17.70 -24.59
CA PHE D 203 27.53 -18.93 -25.38
C PHE D 203 28.67 -19.95 -25.09
N SER D 204 29.92 -19.50 -25.08
CA SER D 204 31.05 -20.43 -24.89
C SER D 204 30.98 -21.17 -23.56
N ARG D 205 30.56 -20.42 -22.54
CA ARG D 205 30.36 -21.01 -21.22
C ARG D 205 29.21 -22.00 -21.18
N ARG D 206 28.11 -21.63 -21.80
CA ARG D 206 26.94 -22.42 -21.70
C ARG D 206 27.12 -23.70 -22.49
N LEU D 207 27.92 -23.64 -23.55
CA LEU D 207 28.12 -24.83 -24.37
C LEU D 207 29.14 -25.79 -23.73
N ALA D 208 30.19 -25.22 -23.16
CA ALA D 208 31.17 -26.02 -22.43
C ALA D 208 30.57 -26.67 -21.19
N GLU D 209 29.52 -26.08 -20.63
CA GLU D 209 28.90 -26.65 -19.48
C GLU D 209 27.93 -27.75 -19.86
N GLY D 210 27.72 -27.93 -21.15
CA GLY D 210 26.88 -29.03 -21.61
C GLY D 210 25.54 -28.60 -22.14
N ASP D 211 25.34 -27.28 -22.26
CA ASP D 211 24.05 -26.81 -22.71
C ASP D 211 23.59 -27.33 -24.07
N THR D 212 22.43 -27.94 -24.04
CA THR D 212 21.88 -28.51 -25.22
C THR D 212 21.08 -27.49 -26.03
N LEU D 213 20.53 -26.48 -25.37
CA LEU D 213 19.56 -25.57 -25.98
C LEU D 213 20.22 -24.45 -26.77
N ILE D 214 21.30 -23.89 -26.24
CA ILE D 214 21.99 -22.81 -26.94
C ILE D 214 22.45 -23.36 -28.33
N GLY D 215 22.89 -24.62 -28.37
CA GLY D 215 23.22 -25.30 -29.61
C GLY D 215 22.09 -25.59 -30.58
N GLU D 216 20.90 -25.87 -30.05
CA GLU D 216 19.72 -26.08 -30.92
C GLU D 216 19.40 -24.77 -31.62
N LYS D 217 19.32 -23.69 -30.82
CA LYS D 217 19.08 -22.29 -31.30
C LYS D 217 20.11 -21.72 -32.27
N ALA D 218 21.40 -22.01 -32.04
CA ALA D 218 22.51 -21.53 -32.91
C ALA D 218 22.76 -22.43 -34.13
N PHE D 219 21.98 -23.51 -34.26
CA PHE D 219 22.28 -24.60 -35.20
C PHE D 219 23.75 -25.12 -35.12
N THR D 220 24.30 -25.31 -33.91
CA THR D 220 25.66 -25.81 -33.75
C THR D 220 25.75 -27.03 -32.82
N GLU D 221 24.80 -27.92 -32.94
CA GLU D 221 24.76 -29.17 -32.19
C GLU D 221 26.00 -30.08 -32.37
N SER D 222 26.63 -30.04 -33.54
CA SER D 222 27.89 -30.78 -33.77
C SER D 222 28.96 -30.35 -32.80
N LEU D 223 29.00 -29.06 -32.53
CA LEU D 223 30.01 -28.49 -31.67
C LEU D 223 29.93 -28.94 -30.18
N LEU D 224 28.74 -29.33 -29.74
CA LEU D 224 28.49 -29.82 -28.38
C LEU D 224 29.01 -31.24 -28.22
N ILE D 225 28.79 -32.07 -29.25
CA ILE D 225 29.35 -33.41 -29.25
C ILE D 225 30.87 -33.33 -29.33
N LYS D 226 31.41 -32.52 -30.23
CA LYS D 226 32.84 -32.24 -30.23
C LYS D 226 33.37 -31.94 -28.80
N LEU D 227 32.74 -30.98 -28.12
CA LEU D 227 33.28 -30.47 -26.87
C LEU D 227 33.10 -31.41 -25.71
N GLN D 228 31.99 -32.17 -25.74
CA GLN D 228 31.55 -32.97 -24.57
C GLN D 228 31.89 -34.47 -24.63
N GLU D 229 32.09 -35.03 -25.82
CA GLU D 229 32.40 -36.46 -25.92
C GLU D 229 33.90 -36.71 -25.95
N THR D 230 34.60 -36.23 -24.92
CA THR D 230 35.96 -36.65 -24.67
C THR D 230 36.16 -37.03 -23.23
N GLU D 231 37.28 -37.68 -22.97
CA GLU D 231 37.69 -38.02 -21.64
C GLU D 231 37.96 -36.81 -20.75
N GLN D 232 38.00 -35.60 -21.31
CA GLN D 232 38.07 -34.38 -20.48
C GLN D 232 36.87 -34.12 -19.59
N ASN D 233 35.69 -34.58 -20.01
CA ASN D 233 34.46 -34.32 -19.27
C ASN D 233 34.35 -32.87 -18.81
N LEU D 234 34.35 -32.02 -19.82
CA LEU D 234 34.51 -30.60 -19.68
C LEU D 234 33.33 -29.99 -18.95
N ASP D 235 32.14 -30.49 -19.22
CA ASP D 235 30.94 -30.00 -18.53
C ASP D 235 31.20 -30.06 -17.05
N VAL D 236 31.87 -31.13 -16.62
CA VAL D 236 32.15 -31.34 -15.20
C VAL D 236 33.25 -30.40 -14.76
N LEU D 237 34.31 -30.29 -15.55
CA LEU D 237 35.45 -29.45 -15.16
C LEU D 237 34.94 -28.07 -14.85
N LEU D 238 34.10 -27.57 -15.77
CA LEU D 238 33.50 -26.25 -15.63
C LEU D 238 32.55 -26.16 -14.42
N ALA D 239 31.64 -27.13 -14.29
CA ALA D 239 30.73 -27.16 -13.12
C ALA D 239 31.51 -27.04 -11.77
N ASP D 240 32.53 -27.87 -11.58
CA ASP D 240 33.47 -27.75 -10.44
C ASP D 240 34.08 -26.37 -10.26
N ALA D 241 34.55 -25.78 -11.34
CA ALA D 241 35.21 -24.49 -11.27
C ALA D 241 34.21 -23.43 -10.81
N ARG D 242 33.00 -23.50 -11.31
CA ARG D 242 31.97 -22.54 -10.94
C ARG D 242 31.57 -22.80 -9.50
N TYR D 243 31.45 -24.07 -9.15
CA TYR D 243 31.11 -24.36 -7.78
C TYR D 243 32.17 -23.80 -6.78
N GLN D 244 33.44 -23.86 -7.14
CA GLN D 244 34.52 -23.57 -6.20
C GLN D 244 34.58 -22.10 -5.97
N LYS D 245 34.30 -21.33 -7.01
CA LYS D 245 34.55 -19.93 -6.92
C LYS D 245 33.51 -19.34 -6.00
N ILE D 246 32.28 -19.84 -6.15
CA ILE D 246 31.15 -19.40 -5.34
C ILE D 246 31.39 -19.87 -3.92
N HIS D 247 31.93 -21.07 -3.75
CA HIS D 247 32.15 -21.59 -2.41
C HIS D 247 33.15 -20.68 -1.71
N GLU D 248 34.18 -20.21 -2.43
CA GLU D 248 35.20 -19.31 -1.82
C GLU D 248 34.55 -18.06 -1.30
N ILE D 249 33.68 -17.51 -2.14
CA ILE D 249 32.90 -16.30 -1.85
C ILE D 249 31.96 -16.46 -0.65
N VAL D 250 31.31 -17.60 -0.57
CA VAL D 250 30.35 -17.86 0.49
C VAL D 250 31.17 -17.96 1.74
N THR D 251 32.21 -18.80 1.71
CA THR D 251 33.15 -18.99 2.85
C THR D 251 33.57 -17.63 3.44
N LEU D 252 33.92 -16.68 2.59
CA LEU D 252 34.41 -15.34 3.02
C LEU D 252 33.34 -14.39 3.59
N VAL D 253 32.08 -14.70 3.33
CA VAL D 253 30.97 -13.81 3.51
C VAL D 253 29.90 -14.32 4.48
N GLN D 254 29.79 -15.62 4.65
CA GLN D 254 28.61 -16.21 5.34
C GLN D 254 29.00 -17.03 6.56
N LYS D 255 28.34 -16.69 7.66
CA LYS D 255 28.47 -17.32 8.97
C LYS D 255 27.09 -17.98 9.23
N LYS D 256 27.12 -19.24 9.66
CA LYS D 256 25.91 -19.98 9.95
C LYS D 256 26.01 -20.71 11.29
#